data_3NA8
#
_entry.id   3NA8
#
_cell.length_a   107.370
_cell.length_b   156.210
_cell.length_c   76.580
_cell.angle_alpha   90.00
_cell.angle_beta   90.00
_cell.angle_gamma   90.00
#
_symmetry.space_group_name_H-M   'P 21 21 2'
#
loop_
_entity.id
_entity.type
_entity.pdbx_description
1 polymer 'putative dihydrodipicolinate synthetase'
2 non-polymer 'MAGNESIUM ION'
3 non-polymer D-MALATE
4 water water
#
_entity_poly.entity_id   1
_entity_poly.type   'polypeptide(L)'
_entity_poly.pdbx_seq_one_letter_code
;(MSE)GSSHHHHHHSSGLVPRGSH(MSE)SASIHGIIGYTITPFAADGGLDLPALGRSIERLIDGGVHAIAPLGSTGEGA
YLSDPEWDEVVDFTLKTVAHRVPTIVSVSDLTTAKTVRRAQFAESLGAEAV(MSE)VLPISYWKLNEAEVFQHYRAVGEA
IGVPV(MSE)LYNNPGTSGID(MSE)SVELILRIVREVDNVT(MSE)VKESTGDIQR(MSE)HKLRLLGEGRVPFYNG
(CSO)NPLALEAFVAGAKGWCSAAPNLIPTLNGQLYQAVLDGDLEKARALFYRQLPLLDFILRRGLPTTIKAGLGLSGLE
VGAPRLPVQALDTEGCRYLQGLLEELRGS
;
_entity_poly.pdbx_strand_id   A,B,C,D
#
# COMPACT_ATOMS: atom_id res chain seq x y z
N ALA A 23 -21.05 -33.05 11.21
CA ALA A 23 -20.67 -33.29 9.79
C ALA A 23 -19.52 -32.39 9.36
N SER A 24 -18.51 -32.98 8.75
CA SER A 24 -17.33 -32.24 8.33
C SER A 24 -17.65 -31.13 7.33
N ILE A 25 -17.01 -29.97 7.54
CA ILE A 25 -17.08 -28.87 6.59
C ILE A 25 -15.81 -28.89 5.74
N HIS A 26 -15.98 -29.17 4.45
CA HIS A 26 -14.83 -29.38 3.58
C HIS A 26 -15.21 -29.18 2.11
N GLY A 27 -14.21 -29.33 1.23
CA GLY A 27 -14.45 -29.32 -0.20
C GLY A 27 -14.97 -28.00 -0.74
N ILE A 28 -16.03 -28.08 -1.54
CA ILE A 28 -16.62 -26.89 -2.15
C ILE A 28 -17.81 -26.39 -1.35
N ILE A 29 -17.64 -25.24 -0.70
CA ILE A 29 -18.72 -24.61 0.05
C ILE A 29 -19.34 -23.49 -0.78
N GLY A 30 -20.61 -23.65 -1.15
CA GLY A 30 -21.26 -22.74 -2.07
C GLY A 30 -21.94 -21.55 -1.40
N TYR A 31 -21.49 -20.35 -1.76
CA TYR A 31 -22.16 -19.11 -1.37
C TYR A 31 -23.44 -18.97 -2.16
N THR A 32 -24.54 -18.69 -1.48
CA THR A 32 -25.81 -18.45 -2.15
C THR A 32 -26.03 -16.96 -2.39
N ILE A 33 -26.75 -16.63 -3.44
CA ILE A 33 -27.20 -15.26 -3.66
C ILE A 33 -28.58 -15.08 -3.05
N THR A 34 -29.04 -13.83 -2.98
CA THR A 34 -30.39 -13.55 -2.49
C THR A 34 -31.22 -12.91 -3.59
N PRO A 35 -32.04 -13.72 -4.26
CA PRO A 35 -32.88 -13.21 -5.35
C PRO A 35 -33.99 -12.29 -4.83
N PHE A 36 -34.18 -11.16 -5.51
CA PHE A 36 -35.25 -10.24 -5.16
C PHE A 36 -36.33 -10.27 -6.22
N ALA A 37 -37.58 -10.19 -5.79
CA ALA A 37 -38.71 -10.23 -6.71
C ALA A 37 -38.89 -8.89 -7.41
N ALA A 38 -39.60 -8.90 -8.54
CA ALA A 38 -39.82 -7.68 -9.31
C ALA A 38 -40.22 -6.51 -8.40
N ASP A 39 -40.96 -6.82 -7.33
CA ASP A 39 -41.43 -5.78 -6.42
C ASP A 39 -40.42 -5.47 -5.32
N GLY A 40 -39.18 -5.91 -5.50
CA GLY A 40 -38.09 -5.58 -4.58
C GLY A 40 -37.95 -6.52 -3.40
N GLY A 41 -39.01 -7.24 -3.07
CA GLY A 41 -38.99 -8.17 -1.94
C GLY A 41 -38.18 -9.43 -2.25
N LEU A 42 -38.24 -10.39 -1.34
CA LEU A 42 -37.52 -11.65 -1.51
C LEU A 42 -38.22 -12.56 -2.51
N ASP A 43 -37.44 -13.25 -3.34
CA ASP A 43 -37.97 -14.26 -4.24
C ASP A 43 -37.55 -15.64 -3.74
N LEU A 44 -38.32 -16.19 -2.82
CA LEU A 44 -37.96 -17.44 -2.18
C LEU A 44 -37.94 -18.64 -3.13
N PRO A 45 -38.92 -18.72 -4.04
CA PRO A 45 -38.93 -19.79 -5.02
C PRO A 45 -37.63 -19.82 -5.83
N ALA A 46 -37.18 -18.65 -6.27
CA ALA A 46 -35.94 -18.55 -7.04
C ALA A 46 -34.74 -18.94 -6.18
N LEU A 47 -34.76 -18.53 -4.92
CA LEU A 47 -33.70 -18.89 -3.98
C LEU A 47 -33.64 -20.41 -3.82
N GLY A 48 -34.81 -21.02 -3.67
CA GLY A 48 -34.90 -22.47 -3.59
C GLY A 48 -34.29 -23.18 -4.78
N ARG A 49 -34.64 -22.71 -5.98
CA ARG A 49 -34.09 -23.29 -7.20
C ARG A 49 -32.57 -23.20 -7.25
N SER A 50 -32.03 -22.07 -6.79
CA SER A 50 -30.59 -21.87 -6.79
C SER A 50 -29.90 -22.81 -5.81
N ILE A 51 -30.54 -23.03 -4.67
CA ILE A 51 -30.01 -23.95 -3.66
C ILE A 51 -29.99 -25.39 -4.20
N GLU A 52 -31.06 -25.79 -4.87
CA GLU A 52 -31.14 -27.13 -5.46
C GLU A 52 -30.06 -27.31 -6.51
N ARG A 53 -29.82 -26.26 -7.30
CA ARG A 53 -28.80 -26.30 -8.34
C ARG A 53 -27.42 -26.53 -7.73
N LEU A 54 -27.15 -25.87 -6.59
CA LEU A 54 -25.89 -26.04 -5.89
C LEU A 54 -25.73 -27.47 -5.37
N ILE A 55 -26.75 -27.97 -4.69
CA ILE A 55 -26.72 -29.32 -4.13
C ILE A 55 -26.57 -30.37 -5.23
N ASP A 56 -27.35 -30.23 -6.30
CA ASP A 56 -27.27 -31.13 -7.44
CA ASP A 56 -27.26 -31.15 -7.43
C ASP A 56 -25.92 -31.01 -8.13
N GLY A 57 -25.28 -29.85 -7.96
CA GLY A 57 -23.99 -29.59 -8.57
C GLY A 57 -22.85 -30.23 -7.80
N GLY A 58 -23.16 -30.72 -6.60
CA GLY A 58 -22.19 -31.48 -5.81
C GLY A 58 -21.42 -30.72 -4.75
N VAL A 59 -21.94 -29.57 -4.33
CA VAL A 59 -21.29 -28.81 -3.26
C VAL A 59 -21.34 -29.62 -1.97
N HIS A 60 -20.34 -29.41 -1.10
CA HIS A 60 -20.26 -30.16 0.15
C HIS A 60 -20.88 -29.41 1.32
N ALA A 61 -21.20 -28.14 1.09
CA ALA A 61 -21.82 -27.30 2.11
C ALA A 61 -22.43 -26.05 1.50
N ILE A 62 -23.31 -25.39 2.25
CA ILE A 62 -23.96 -24.16 1.81
C ILE A 62 -23.64 -23.01 2.76
N ALA A 63 -23.27 -21.86 2.21
CA ALA A 63 -22.92 -20.69 3.00
C ALA A 63 -23.77 -19.48 2.62
N PRO A 64 -24.89 -19.28 3.30
CA PRO A 64 -25.80 -18.18 2.98
C PRO A 64 -25.47 -16.86 3.67
N LEU A 65 -25.92 -15.77 3.07
CA LEU A 65 -25.88 -14.44 3.68
C LEU A 65 -24.49 -13.81 3.78
N GLY A 66 -23.57 -14.28 2.94
CA GLY A 66 -22.27 -13.63 2.80
C GLY A 66 -22.42 -12.46 1.83
N SER A 67 -21.30 -11.92 1.38
CA SER A 67 -21.33 -10.83 0.41
C SER A 67 -22.06 -11.25 -0.86
N THR A 68 -21.88 -12.51 -1.25
CA THR A 68 -22.55 -13.05 -2.43
C THR A 68 -24.06 -12.90 -2.31
N GLY A 69 -24.57 -13.08 -1.10
CA GLY A 69 -26.01 -13.00 -0.85
C GLY A 69 -26.48 -11.62 -0.45
N GLU A 70 -25.59 -10.64 -0.54
CA GLU A 70 -25.92 -9.27 -0.18
C GLU A 70 -26.54 -9.21 1.22
N GLY A 71 -26.03 -10.06 2.12
CA GLY A 71 -26.55 -10.14 3.47
C GLY A 71 -26.75 -8.78 4.13
N ALA A 72 -25.75 -7.91 4.00
CA ALA A 72 -25.78 -6.60 4.65
C ALA A 72 -26.86 -5.67 4.08
N TYR A 73 -27.34 -5.97 2.89
CA TYR A 73 -28.38 -5.16 2.24
C TYR A 73 -29.78 -5.52 2.72
N LEU A 74 -29.89 -6.57 3.53
CA LEU A 74 -31.19 -7.08 3.95
C LEU A 74 -31.66 -6.45 5.26
N SER A 75 -32.96 -6.21 5.36
CA SER A 75 -33.56 -5.78 6.61
C SER A 75 -33.56 -6.97 7.56
N ASP A 76 -33.79 -6.71 8.85
CA ASP A 76 -33.78 -7.78 9.84
C ASP A 76 -34.80 -8.88 9.50
N PRO A 77 -36.05 -8.49 9.19
CA PRO A 77 -37.07 -9.48 8.82
C PRO A 77 -36.63 -10.29 7.61
N GLU A 78 -36.05 -9.63 6.61
CA GLU A 78 -35.57 -10.32 5.42
C GLU A 78 -34.45 -11.29 5.77
N TRP A 79 -33.49 -10.83 6.56
CA TRP A 79 -32.36 -11.66 6.95
C TRP A 79 -32.85 -12.93 7.64
N ASP A 80 -33.78 -12.77 8.58
CA ASP A 80 -34.34 -13.90 9.32
C ASP A 80 -35.02 -14.90 8.40
N GLU A 81 -35.77 -14.40 7.43
CA GLU A 81 -36.52 -15.26 6.52
C GLU A 81 -35.59 -16.09 5.63
N VAL A 82 -34.53 -15.46 5.14
CA VAL A 82 -33.56 -16.15 4.30
C VAL A 82 -32.90 -17.30 5.06
N VAL A 83 -32.57 -17.04 6.32
CA VAL A 83 -32.00 -18.08 7.17
C VAL A 83 -32.97 -19.25 7.31
N ASP A 84 -34.21 -18.95 7.67
CA ASP A 84 -35.22 -19.98 7.86
C ASP A 84 -35.45 -20.78 6.57
N PHE A 85 -35.72 -20.07 5.49
CA PHE A 85 -35.99 -20.72 4.21
C PHE A 85 -34.82 -21.56 3.72
N THR A 86 -33.61 -21.03 3.89
CA THR A 86 -32.41 -21.72 3.41
C THR A 86 -32.20 -23.05 4.13
N LEU A 87 -32.22 -23.01 5.46
CA LEU A 87 -32.02 -24.22 6.26
C LEU A 87 -33.08 -25.27 5.95
N LYS A 88 -34.33 -24.83 5.79
CA LYS A 88 -35.43 -25.73 5.47
C LYS A 88 -35.24 -26.37 4.10
N THR A 89 -34.82 -25.56 3.12
CA THR A 89 -34.59 -26.05 1.77
C THR A 89 -33.49 -27.09 1.75
N VAL A 90 -32.36 -26.77 2.39
CA VAL A 90 -31.22 -27.68 2.44
C VAL A 90 -31.60 -29.00 3.11
N ALA A 91 -32.50 -28.91 4.10
CA ALA A 91 -32.97 -30.10 4.80
C ALA A 91 -31.81 -30.96 5.29
N HIS A 92 -30.75 -30.29 5.75
CA HIS A 92 -29.57 -30.95 6.30
C HIS A 92 -28.93 -31.99 5.38
N ARG A 93 -29.18 -31.85 4.08
CA ARG A 93 -28.51 -32.70 3.11
C ARG A 93 -26.99 -32.45 3.14
N VAL A 94 -26.63 -31.20 3.40
CA VAL A 94 -25.24 -30.81 3.61
C VAL A 94 -25.21 -29.77 4.72
N PRO A 95 -24.05 -29.60 5.37
CA PRO A 95 -23.92 -28.60 6.43
C PRO A 95 -24.17 -27.19 5.90
N THR A 96 -24.76 -26.34 6.73
CA THR A 96 -24.99 -24.95 6.38
C THR A 96 -24.25 -24.05 7.36
N ILE A 97 -23.41 -23.17 6.83
CA ILE A 97 -22.68 -22.22 7.65
C ILE A 97 -23.16 -20.80 7.37
N VAL A 98 -23.89 -20.23 8.32
CA VAL A 98 -24.52 -18.93 8.13
C VAL A 98 -23.61 -17.78 8.54
N SER A 99 -23.50 -16.78 7.66
CA SER A 99 -22.75 -15.56 7.98
C SER A 99 -23.58 -14.68 8.91
N VAL A 100 -23.08 -14.48 10.12
CA VAL A 100 -23.82 -13.73 11.13
C VAL A 100 -23.12 -12.44 11.53
N SER A 101 -22.02 -12.13 10.84
CA SER A 101 -21.23 -10.95 11.16
C SER A 101 -22.07 -9.69 11.15
N ASP A 102 -21.87 -8.84 12.16
CA ASP A 102 -22.50 -7.54 12.20
C ASP A 102 -21.61 -6.54 12.93
N LEU A 103 -21.96 -5.26 12.85
CA LEU A 103 -21.15 -4.21 13.45
C LEU A 103 -21.04 -4.32 14.97
N THR A 104 -22.19 -4.45 15.64
CA THR A 104 -22.20 -4.55 17.10
C THR A 104 -22.09 -5.99 17.56
N THR A 105 -21.41 -6.19 18.69
CA THR A 105 -21.29 -7.50 19.29
C THR A 105 -22.68 -8.04 19.64
N ALA A 106 -23.52 -7.18 20.19
CA ALA A 106 -24.87 -7.57 20.58
C ALA A 106 -25.63 -8.21 19.42
N LYS A 107 -25.68 -7.53 18.29
CA LYS A 107 -26.46 -8.02 17.15
C LYS A 107 -25.84 -9.26 16.53
N THR A 108 -24.51 -9.32 16.50
CA THR A 108 -23.81 -10.49 15.98
C THR A 108 -24.15 -11.72 16.82
N VAL A 109 -24.18 -11.55 18.14
CA VAL A 109 -24.57 -12.63 19.04
C VAL A 109 -25.99 -13.09 18.78
N ARG A 110 -26.90 -12.13 18.65
CA ARG A 110 -28.31 -12.45 18.39
C ARG A 110 -28.48 -13.25 17.11
N ARG A 111 -27.79 -12.86 16.06
CA ARG A 111 -27.88 -13.55 14.78
CA ARG A 111 -27.88 -13.55 14.78
C ARG A 111 -27.29 -14.95 14.84
N ALA A 112 -26.18 -15.09 15.57
CA ALA A 112 -25.55 -16.39 15.76
C ALA A 112 -26.51 -17.34 16.49
N GLN A 113 -27.18 -16.81 17.51
CA GLN A 113 -28.13 -17.61 18.28
C GLN A 113 -29.35 -17.96 17.46
N PHE A 114 -29.81 -17.02 16.64
CA PHE A 114 -30.96 -17.25 15.78
C PHE A 114 -30.66 -18.34 14.74
N ALA A 115 -29.47 -18.26 14.14
CA ALA A 115 -29.04 -19.25 13.18
C ALA A 115 -29.00 -20.64 13.81
N GLU A 116 -28.40 -20.74 14.99
CA GLU A 116 -28.32 -22.01 15.69
C GLU A 116 -29.70 -22.56 16.03
N SER A 117 -30.60 -21.68 16.46
CA SER A 117 -31.94 -22.10 16.87
C SER A 117 -32.68 -22.78 15.72
N LEU A 118 -32.35 -22.39 14.49
CA LEU A 118 -33.02 -22.95 13.32
C LEU A 118 -32.28 -24.14 12.71
N GLY A 119 -31.19 -24.55 13.35
CA GLY A 119 -30.51 -25.78 12.96
C GLY A 119 -29.21 -25.61 12.19
N ALA A 120 -28.73 -24.38 12.08
CA ALA A 120 -27.46 -24.13 11.39
C ALA A 120 -26.36 -24.98 12.01
N GLU A 121 -25.54 -25.61 11.17
CA GLU A 121 -24.44 -26.45 11.65
C GLU A 121 -23.29 -25.60 12.18
N ALA A 122 -23.13 -24.40 11.65
CA ALA A 122 -22.07 -23.50 12.06
C ALA A 122 -22.36 -22.07 11.62
N VAL A 123 -21.59 -21.13 12.15
CA VAL A 123 -21.72 -19.73 11.76
C VAL A 123 -20.35 -19.15 11.40
N VAL A 125 -17.96 -15.59 11.26
CA VAL A 125 -17.87 -14.28 11.86
C VAL A 125 -16.67 -13.48 11.34
N LEU A 126 -16.97 -12.33 10.73
CA LEU A 126 -15.97 -11.39 10.28
C LEU A 126 -16.09 -10.12 11.11
N PRO A 127 -14.97 -9.62 11.65
CA PRO A 127 -15.01 -8.42 12.47
C PRO A 127 -15.25 -7.16 11.64
N ILE A 128 -16.51 -6.83 11.39
CA ILE A 128 -16.85 -5.63 10.63
C ILE A 128 -16.66 -4.39 11.50
N SER A 129 -16.11 -3.36 10.90
CA SER A 129 -15.87 -2.15 11.61
C SER A 129 -15.44 -0.98 10.75
N TYR A 130 -16.20 0.09 10.82
CA TYR A 130 -15.92 1.29 10.03
C TYR A 130 -14.75 2.03 10.66
N TRP A 131 -14.67 1.89 11.95
CA TRP A 131 -13.69 2.52 12.77
C TRP A 131 -12.74 1.43 13.09
N LYS A 132 -11.48 1.65 13.18
CA LYS A 132 -10.62 0.50 13.37
C LYS A 132 -10.84 -0.15 14.74
N LEU A 133 -10.39 -1.37 14.96
CA LEU A 133 -10.53 -2.07 16.25
C LEU A 133 -9.20 -2.66 16.66
N ASN A 134 -8.85 -2.66 17.94
CA ASN A 134 -7.59 -3.23 18.40
C ASN A 134 -7.74 -4.72 18.71
N GLU A 135 -6.61 -5.39 18.90
CA GLU A 135 -6.63 -6.84 19.09
C GLU A 135 -7.47 -7.26 20.30
N ALA A 136 -7.43 -6.47 21.37
CA ALA A 136 -8.22 -6.77 22.55
C ALA A 136 -9.71 -6.76 22.22
N GLU A 137 -10.13 -5.75 21.47
CA GLU A 137 -11.53 -5.60 21.08
C GLU A 137 -11.98 -6.73 20.16
N VAL A 138 -11.09 -7.13 19.25
CA VAL A 138 -11.39 -8.22 18.32
C VAL A 138 -11.55 -9.54 19.07
N PHE A 139 -10.61 -9.80 19.99
CA PHE A 139 -10.63 -11.05 20.74
C PHE A 139 -11.92 -11.21 21.55
N GLN A 140 -12.32 -10.14 22.23
CA GLN A 140 -13.52 -10.18 23.07
CA GLN A 140 -13.52 -10.18 23.07
C GLN A 140 -14.79 -10.35 22.24
N HIS A 141 -14.77 -9.81 21.03
CA HIS A 141 -15.89 -9.94 20.11
C HIS A 141 -16.16 -11.42 19.83
N TYR A 142 -15.10 -12.12 19.44
CA TYR A 142 -15.21 -13.55 19.17
C TYR A 142 -15.52 -14.34 20.43
N ARG A 143 -14.92 -13.94 21.54
CA ARG A 143 -15.18 -14.60 22.81
C ARG A 143 -16.66 -14.54 23.16
N ALA A 144 -17.26 -13.37 22.98
CA ALA A 144 -18.68 -13.18 23.29
C ALA A 144 -19.56 -14.06 22.41
N VAL A 145 -19.30 -14.05 21.11
CA VAL A 145 -20.08 -14.85 20.17
C VAL A 145 -19.92 -16.34 20.45
N GLY A 146 -18.69 -16.78 20.61
CA GLY A 146 -18.41 -18.20 20.87
C GLY A 146 -19.10 -18.70 22.12
N GLU A 147 -19.04 -17.92 23.19
CA GLU A 147 -19.61 -18.32 24.47
C GLU A 147 -21.14 -18.28 24.49
N ALA A 148 -21.73 -17.61 23.50
CA ALA A 148 -23.18 -17.42 23.48
C ALA A 148 -23.91 -18.51 22.69
N ILE A 149 -23.16 -19.37 22.01
CA ILE A 149 -23.78 -20.39 21.16
C ILE A 149 -23.18 -21.78 21.41
N GLY A 150 -23.81 -22.80 20.83
CA GLY A 150 -23.37 -24.17 21.00
C GLY A 150 -22.91 -24.84 19.71
N VAL A 151 -22.62 -24.02 18.70
CA VAL A 151 -22.12 -24.54 17.42
C VAL A 151 -20.79 -23.88 17.06
N PRO A 152 -20.00 -24.54 16.20
CA PRO A 152 -18.69 -24.04 15.79
C PRO A 152 -18.77 -22.69 15.11
N VAL A 153 -17.73 -21.88 15.29
CA VAL A 153 -17.61 -20.60 14.62
C VAL A 153 -16.45 -20.64 13.64
N LEU A 155 -13.95 -18.38 12.00
CA LEU A 155 -13.35 -17.06 12.00
C LEU A 155 -12.95 -16.69 10.58
N TYR A 156 -13.34 -15.49 10.16
CA TYR A 156 -13.16 -15.07 8.78
C TYR A 156 -12.35 -13.78 8.70
N ASN A 157 -11.19 -13.86 8.08
CA ASN A 157 -10.33 -12.69 7.90
C ASN A 157 -10.38 -12.20 6.46
N ASN A 158 -10.94 -11.01 6.28
CA ASN A 158 -11.01 -10.38 4.97
C ASN A 158 -10.93 -8.86 5.10
N PRO A 159 -9.71 -8.34 5.27
CA PRO A 159 -9.46 -6.91 5.47
C PRO A 159 -10.12 -6.07 4.39
N GLY A 160 -10.13 -6.58 3.17
CA GLY A 160 -10.71 -5.85 2.04
C GLY A 160 -12.17 -5.54 2.24
N THR A 161 -12.85 -6.34 3.05
CA THR A 161 -14.27 -6.16 3.32
C THR A 161 -14.50 -5.59 4.71
N SER A 162 -13.87 -6.20 5.71
CA SER A 162 -14.08 -5.83 7.11
C SER A 162 -13.35 -4.54 7.49
N GLY A 163 -12.21 -4.29 6.84
CA GLY A 163 -11.37 -3.15 7.19
C GLY A 163 -10.39 -3.51 8.29
N ILE A 164 -10.50 -4.75 8.77
CA ILE A 164 -9.63 -5.24 9.82
C ILE A 164 -8.76 -6.39 9.29
N ASP A 165 -7.49 -6.38 9.63
CA ASP A 165 -6.59 -7.44 9.23
C ASP A 165 -6.00 -8.14 10.45
N SER A 167 -3.78 -10.62 12.32
CA SER A 167 -2.56 -11.41 12.14
C SER A 167 -2.85 -12.86 12.46
N VAL A 168 -2.05 -13.76 11.92
CA VAL A 168 -2.21 -15.19 12.19
C VAL A 168 -2.00 -15.47 13.66
N GLU A 169 -1.08 -14.73 14.28
CA GLU A 169 -0.82 -14.89 15.70
C GLU A 169 -2.10 -14.63 16.51
N LEU A 170 -2.80 -13.56 16.19
CA LEU A 170 -4.06 -13.24 16.87
C LEU A 170 -5.11 -14.30 16.59
N ILE A 171 -5.23 -14.69 15.33
CA ILE A 171 -6.18 -15.72 14.94
C ILE A 171 -5.99 -17.00 15.75
N LEU A 172 -4.74 -17.44 15.85
CA LEU A 172 -4.44 -18.67 16.57
C LEU A 172 -4.76 -18.57 18.06
N ARG A 173 -4.57 -17.40 18.63
CA ARG A 173 -4.91 -17.18 20.03
C ARG A 173 -6.42 -17.31 20.25
N ILE A 174 -7.18 -16.69 19.35
CA ILE A 174 -8.64 -16.76 19.40
C ILE A 174 -9.11 -18.21 19.28
N VAL A 175 -8.56 -18.92 18.31
CA VAL A 175 -8.93 -20.31 18.07
C VAL A 175 -8.63 -21.18 19.30
N ARG A 176 -7.47 -20.96 19.91
CA ARG A 176 -7.06 -21.77 21.05
C ARG A 176 -7.86 -21.44 22.32
N GLU A 177 -8.15 -20.15 22.51
CA GLU A 177 -8.74 -19.69 23.77
C GLU A 177 -10.27 -19.64 23.76
N VAL A 178 -10.86 -19.56 22.57
CA VAL A 178 -12.31 -19.60 22.45
C VAL A 178 -12.77 -20.96 21.93
N ASP A 179 -13.32 -21.77 22.83
CA ASP A 179 -13.73 -23.13 22.49
C ASP A 179 -14.40 -23.26 21.13
N ASN A 180 -15.47 -22.49 20.92
CA ASN A 180 -16.32 -22.67 19.74
C ASN A 180 -15.75 -22.14 18.43
N VAL A 181 -14.68 -21.35 18.51
CA VAL A 181 -13.97 -20.93 17.30
C VAL A 181 -13.01 -22.05 16.90
N THR A 182 -13.33 -22.71 15.79
CA THR A 182 -12.62 -23.94 15.42
C THR A 182 -12.01 -23.91 14.02
N VAL A 184 -10.76 -21.42 10.38
CA VAL A 184 -10.27 -20.13 9.89
C VAL A 184 -10.40 -20.01 8.38
N LYS A 185 -11.07 -18.96 7.92
CA LYS A 185 -11.14 -18.66 6.50
C LYS A 185 -10.29 -17.44 6.16
N GLU A 186 -9.46 -17.57 5.13
CA GLU A 186 -8.58 -16.49 4.70
C GLU A 186 -8.95 -15.95 3.33
N SER A 187 -9.13 -14.64 3.23
CA SER A 187 -9.45 -13.99 1.97
C SER A 187 -8.56 -12.77 1.71
N THR A 188 -7.36 -12.78 2.26
CA THR A 188 -6.42 -11.68 2.04
C THR A 188 -5.76 -11.81 0.67
N GLY A 189 -5.79 -13.01 0.11
CA GLY A 189 -5.13 -13.28 -1.16
C GLY A 189 -3.65 -13.53 -0.95
N ASP A 190 -3.21 -13.41 0.30
CA ASP A 190 -1.80 -13.61 0.66
C ASP A 190 -1.58 -15.03 1.14
N ILE A 191 -1.05 -15.86 0.24
CA ILE A 191 -0.84 -17.28 0.54
C ILE A 191 0.03 -17.50 1.78
N GLN A 192 0.90 -16.53 2.07
CA GLN A 192 1.80 -16.64 3.22
C GLN A 192 1.02 -16.76 4.53
N ARG A 193 -0.16 -16.14 4.59
CA ARG A 193 -1.00 -16.24 5.77
C ARG A 193 -1.37 -17.70 6.04
N HIS A 195 0.37 -20.35 4.91
CA HIS A 195 1.61 -21.01 5.29
C HIS A 195 1.81 -20.89 6.80
N LYS A 196 1.63 -19.68 7.32
CA LYS A 196 1.80 -19.43 8.75
C LYS A 196 0.78 -20.19 9.59
N LEU A 197 -0.46 -20.26 9.12
CA LEU A 197 -1.50 -21.01 9.82
C LEU A 197 -1.12 -22.49 9.90
N ARG A 198 -0.56 -23.01 8.82
CA ARG A 198 -0.13 -24.40 8.76
C ARG A 198 1.08 -24.65 9.66
N LEU A 199 2.06 -23.77 9.59
CA LEU A 199 3.28 -23.91 10.39
C LEU A 199 3.04 -23.63 11.86
N LEU A 200 2.60 -22.41 12.18
CA LEU A 200 2.38 -22.02 13.56
C LEU A 200 1.28 -22.85 14.22
N GLY A 201 0.28 -23.23 13.44
CA GLY A 201 -0.81 -24.05 13.93
C GLY A 201 -0.44 -25.53 13.94
N GLU A 202 0.76 -25.83 13.45
CA GLU A 202 1.25 -27.20 13.41
C GLU A 202 0.29 -28.15 12.69
N GLY A 203 -0.44 -27.61 11.72
CA GLY A 203 -1.35 -28.41 10.90
C GLY A 203 -2.57 -28.93 11.63
N ARG A 204 -2.87 -28.34 12.79
CA ARG A 204 -4.01 -28.77 13.60
C ARG A 204 -5.16 -27.76 13.58
N VAL A 205 -4.94 -26.66 12.88
CA VAL A 205 -5.99 -25.65 12.71
C VAL A 205 -6.47 -25.62 11.27
N PRO A 206 -7.66 -26.17 11.01
CA PRO A 206 -8.19 -26.24 9.66
C PRO A 206 -8.48 -24.84 9.11
N PHE A 207 -7.92 -24.53 7.95
CA PHE A 207 -8.16 -23.24 7.33
C PHE A 207 -8.83 -23.40 5.97
N TYR A 208 -9.56 -22.37 5.55
CA TYR A 208 -10.33 -22.43 4.32
C TYR A 208 -10.02 -21.24 3.41
N ASN A 209 -10.16 -21.46 2.10
CA ASN A 209 -9.91 -20.41 1.13
C ASN A 209 -11.18 -19.62 0.81
N GLY A 210 -11.05 -18.30 0.77
CA GLY A 210 -12.17 -17.44 0.42
C GLY A 210 -11.85 -16.54 -0.77
N ASN A 212 -11.09 -16.53 -4.70
CA ASN A 212 -11.25 -17.37 -5.88
C ASN A 212 -9.98 -17.63 -6.70
N PRO A 213 -9.31 -16.58 -7.14
CA PRO A 213 -8.12 -16.73 -7.96
C PRO A 213 -6.93 -17.33 -7.23
N LEU A 214 -7.14 -17.72 -6.00
CA LEU A 214 -6.10 -18.38 -5.22
C LEU A 214 -6.49 -19.82 -4.92
N ALA A 215 -7.54 -20.30 -5.58
CA ALA A 215 -8.11 -21.61 -5.28
C ALA A 215 -7.10 -22.76 -5.38
N LEU A 216 -6.29 -22.76 -6.42
CA LEU A 216 -5.29 -23.81 -6.60
C LEU A 216 -4.22 -23.75 -5.51
N GLU A 217 -3.64 -22.57 -5.32
CA GLU A 217 -2.57 -22.39 -4.34
C GLU A 217 -3.05 -22.69 -2.92
N ALA A 218 -4.27 -22.28 -2.60
CA ALA A 218 -4.84 -22.53 -1.28
C ALA A 218 -4.92 -24.03 -1.01
N PHE A 219 -5.47 -24.78 -1.96
CA PHE A 219 -5.54 -26.23 -1.83
C PHE A 219 -4.16 -26.85 -1.71
N VAL A 220 -3.23 -26.40 -2.54
CA VAL A 220 -1.86 -26.91 -2.50
C VAL A 220 -1.25 -26.65 -1.12
N ALA A 221 -1.52 -25.46 -0.58
CA ALA A 221 -1.00 -25.08 0.73
C ALA A 221 -1.62 -25.90 1.86
N GLY A 222 -2.76 -26.53 1.57
CA GLY A 222 -3.39 -27.42 2.55
C GLY A 222 -4.76 -26.97 3.03
N ALA A 223 -5.40 -26.07 2.29
CA ALA A 223 -6.74 -25.61 2.66
C ALA A 223 -7.72 -26.78 2.67
N LYS A 224 -8.57 -26.82 3.69
CA LYS A 224 -9.51 -27.93 3.86
C LYS A 224 -10.75 -27.76 3.01
N GLY A 225 -11.07 -26.52 2.67
CA GLY A 225 -12.25 -26.22 1.88
C GLY A 225 -12.14 -24.88 1.19
N TRP A 226 -13.04 -24.65 0.23
CA TRP A 226 -13.04 -23.43 -0.55
C TRP A 226 -14.46 -22.87 -0.62
N CYS A 227 -14.67 -21.72 0.00
CA CYS A 227 -15.97 -21.06 -0.04
C CYS A 227 -16.02 -20.13 -1.23
N SER A 228 -16.99 -20.34 -2.12
CA SER A 228 -17.05 -19.60 -3.36
C SER A 228 -18.47 -19.50 -3.91
N ALA A 229 -18.72 -18.45 -4.68
CA ALA A 229 -20.00 -18.28 -5.36
C ALA A 229 -19.95 -18.90 -6.75
N ALA A 230 -18.76 -19.36 -7.15
CA ALA A 230 -18.55 -19.91 -8.48
C ALA A 230 -19.42 -21.14 -8.76
N PRO A 231 -19.64 -21.97 -7.73
CA PRO A 231 -20.45 -23.18 -7.86
C PRO A 231 -21.87 -22.89 -8.38
N ASN A 232 -22.30 -21.65 -8.28
CA ASN A 232 -23.58 -21.24 -8.85
C ASN A 232 -23.56 -21.36 -10.36
N LEU A 233 -22.36 -21.31 -10.93
CA LEU A 233 -22.18 -21.29 -12.38
C LEU A 233 -21.44 -22.51 -12.90
N ILE A 234 -20.37 -22.90 -12.22
CA ILE A 234 -19.54 -24.02 -12.68
C ILE A 234 -19.21 -24.99 -11.54
N PRO A 235 -20.24 -25.54 -10.88
CA PRO A 235 -20.03 -26.49 -9.79
C PRO A 235 -19.19 -27.69 -10.22
N THR A 236 -19.31 -28.10 -11.48
CA THR A 236 -18.60 -29.26 -11.98
C THR A 236 -17.09 -29.04 -11.99
N LEU A 237 -16.65 -27.94 -12.59
CA LEU A 237 -15.23 -27.61 -12.64
C LEU A 237 -14.66 -27.32 -11.26
N ASN A 238 -15.45 -26.64 -10.43
CA ASN A 238 -15.06 -26.39 -9.05
C ASN A 238 -14.82 -27.69 -8.31
N GLY A 239 -15.76 -28.62 -8.43
CA GLY A 239 -15.66 -29.91 -7.77
C GLY A 239 -14.51 -30.75 -8.28
N GLN A 240 -14.27 -30.69 -9.59
CA GLN A 240 -13.18 -31.46 -10.20
C GLN A 240 -11.82 -31.00 -9.70
N LEU A 241 -11.66 -29.70 -9.48
CA LEU A 241 -10.42 -29.15 -8.94
C LEU A 241 -10.15 -29.72 -7.56
N TYR A 242 -11.17 -29.70 -6.70
CA TYR A 242 -11.04 -30.26 -5.36
C TYR A 242 -10.65 -31.72 -5.43
N GLN A 243 -11.32 -32.47 -6.30
CA GLN A 243 -11.07 -33.91 -6.43
C GLN A 243 -9.65 -34.20 -6.91
N ALA A 244 -9.17 -33.38 -7.85
CA ALA A 244 -7.81 -33.54 -8.35
C ALA A 244 -6.80 -33.33 -7.23
N VAL A 245 -7.08 -32.38 -6.36
CA VAL A 245 -6.22 -32.09 -5.22
C VAL A 245 -6.21 -33.27 -4.25
N LEU A 246 -7.39 -33.81 -3.98
CA LEU A 246 -7.51 -34.99 -3.12
C LEU A 246 -6.74 -36.18 -3.72
N ASP A 247 -6.80 -36.30 -5.03
CA ASP A 247 -6.13 -37.40 -5.73
C ASP A 247 -4.62 -37.16 -5.82
N GLY A 248 -4.18 -35.99 -5.38
CA GLY A 248 -2.76 -35.64 -5.42
C GLY A 248 -2.24 -35.40 -6.82
N ASP A 249 -3.17 -35.23 -7.76
CA ASP A 249 -2.81 -35.04 -9.17
C ASP A 249 -2.50 -33.57 -9.45
N LEU A 250 -1.24 -33.20 -9.27
CA LEU A 250 -0.79 -31.83 -9.47
C LEU A 250 -1.08 -31.34 -10.88
N GLU A 251 -0.74 -32.15 -11.88
CA GLU A 251 -0.90 -31.78 -13.27
C GLU A 251 -2.35 -31.42 -13.59
N LYS A 252 -3.26 -32.32 -13.25
CA LYS A 252 -4.67 -32.14 -13.55
C LYS A 252 -5.26 -30.94 -12.80
N ALA A 253 -4.89 -30.81 -11.52
CA ALA A 253 -5.35 -29.69 -10.72
C ALA A 253 -5.01 -28.36 -11.39
N ARG A 254 -3.76 -28.23 -11.82
CA ARG A 254 -3.30 -27.01 -12.48
CA ARG A 254 -3.30 -27.01 -12.48
C ARG A 254 -4.12 -26.72 -13.73
N ALA A 255 -4.33 -27.74 -14.55
CA ALA A 255 -5.10 -27.59 -15.78
C ALA A 255 -6.54 -27.17 -15.49
N LEU A 256 -7.19 -27.86 -14.57
CA LEU A 256 -8.56 -27.54 -14.18
C LEU A 256 -8.68 -26.10 -13.68
N PHE A 257 -7.71 -25.67 -12.89
CA PHE A 257 -7.73 -24.32 -12.33
C PHE A 257 -7.62 -23.27 -13.42
N TYR A 258 -6.65 -23.43 -14.32
CA TYR A 258 -6.44 -22.45 -15.37
C TYR A 258 -7.62 -22.38 -16.35
N ARG A 259 -8.31 -23.50 -16.54
CA ARG A 259 -9.49 -23.51 -17.41
CA ARG A 259 -9.48 -23.50 -17.41
C ARG A 259 -10.58 -22.61 -16.84
N GLN A 260 -10.73 -22.62 -15.52
CA GLN A 260 -11.79 -21.84 -14.88
C GLN A 260 -11.35 -20.46 -14.37
N LEU A 261 -10.06 -20.18 -14.43
CA LEU A 261 -9.53 -18.93 -13.88
C LEU A 261 -10.13 -17.67 -14.51
N PRO A 262 -10.30 -17.67 -15.83
CA PRO A 262 -10.88 -16.50 -16.50
C PRO A 262 -12.22 -16.10 -15.90
N LEU A 263 -13.05 -17.09 -15.58
CA LEU A 263 -14.35 -16.82 -14.94
C LEU A 263 -14.15 -16.31 -13.52
N LEU A 264 -13.24 -16.93 -12.78
CA LEU A 264 -12.94 -16.51 -11.42
C LEU A 264 -12.44 -15.07 -11.40
N ASP A 265 -11.55 -14.75 -12.34
CA ASP A 265 -11.05 -13.38 -12.47
C ASP A 265 -12.19 -12.40 -12.72
N PHE A 266 -13.10 -12.77 -13.62
CA PHE A 266 -14.21 -11.92 -14.00
C PHE A 266 -15.15 -11.64 -12.83
N ILE A 267 -15.51 -12.69 -12.09
CA ILE A 267 -16.35 -12.53 -10.91
C ILE A 267 -15.77 -11.49 -9.96
N LEU A 268 -14.47 -11.62 -9.69
CA LEU A 268 -13.77 -10.70 -8.80
C LEU A 268 -13.77 -9.29 -9.35
N ARG A 269 -13.56 -9.16 -10.66
CA ARG A 269 -13.46 -7.85 -11.28
C ARG A 269 -14.80 -7.12 -11.35
N ARG A 270 -15.87 -7.85 -11.64
CA ARG A 270 -17.17 -7.24 -11.85
C ARG A 270 -18.12 -7.32 -10.65
N GLY A 271 -17.72 -8.05 -9.61
CA GLY A 271 -18.51 -8.14 -8.39
C GLY A 271 -19.30 -9.43 -8.28
N LEU A 272 -19.44 -9.92 -7.04
CA LEU A 272 -20.09 -11.21 -6.79
C LEU A 272 -21.57 -11.23 -7.18
N PRO A 273 -22.42 -10.49 -6.46
CA PRO A 273 -23.84 -10.50 -6.74
C PRO A 273 -24.13 -10.13 -8.20
N THR A 274 -23.43 -9.13 -8.70
CA THR A 274 -23.60 -8.68 -10.09
C THR A 274 -23.40 -9.82 -11.08
N THR A 275 -22.22 -10.43 -11.04
CA THR A 275 -21.86 -11.46 -12.00
C THR A 275 -22.60 -12.77 -11.78
N ILE A 276 -22.83 -13.13 -10.52
CA ILE A 276 -23.50 -14.38 -10.20
C ILE A 276 -24.97 -14.35 -10.62
N LYS A 277 -25.67 -13.27 -10.30
CA LYS A 277 -27.07 -13.12 -10.69
C LYS A 277 -27.21 -13.03 -12.20
N ALA A 278 -26.27 -12.35 -12.86
CA ALA A 278 -26.27 -12.27 -14.31
C ALA A 278 -25.98 -13.65 -14.91
N GLY A 279 -25.05 -14.36 -14.30
CA GLY A 279 -24.66 -15.69 -14.76
C GLY A 279 -25.78 -16.70 -14.66
N LEU A 280 -26.51 -16.67 -13.54
CA LEU A 280 -27.63 -17.57 -13.35
C LEU A 280 -28.73 -17.30 -14.38
N GLY A 281 -28.96 -16.03 -14.68
CA GLY A 281 -29.92 -15.66 -15.71
C GLY A 281 -29.55 -16.25 -17.05
N LEU A 282 -28.27 -16.18 -17.38
CA LEU A 282 -27.76 -16.76 -18.61
C LEU A 282 -27.85 -18.28 -18.58
N SER A 283 -28.05 -18.84 -17.38
CA SER A 283 -28.11 -20.28 -17.20
C SER A 283 -29.53 -20.79 -17.00
N GLY A 284 -30.52 -19.98 -17.36
CA GLY A 284 -31.92 -20.38 -17.30
C GLY A 284 -32.56 -20.23 -15.93
N LEU A 285 -31.93 -19.46 -15.06
CA LEU A 285 -32.46 -19.24 -13.71
C LEU A 285 -32.58 -17.76 -13.40
N GLU A 286 -33.75 -17.19 -13.69
CA GLU A 286 -34.01 -15.78 -13.41
C GLU A 286 -33.95 -15.50 -11.92
N VAL A 287 -33.04 -14.60 -11.52
CA VAL A 287 -32.86 -14.28 -10.12
C VAL A 287 -32.82 -12.78 -9.86
N GLY A 288 -33.24 -12.00 -10.85
CA GLY A 288 -33.32 -10.55 -10.72
C GLY A 288 -31.95 -9.88 -10.69
N ALA A 289 -31.89 -8.69 -10.11
CA ALA A 289 -30.67 -7.92 -10.04
C ALA A 289 -30.27 -7.62 -8.60
N PRO A 290 -29.03 -7.15 -8.40
CA PRO A 290 -28.56 -6.75 -7.08
C PRO A 290 -29.32 -5.53 -6.58
N ARG A 291 -29.22 -5.24 -5.29
CA ARG A 291 -29.83 -4.04 -4.73
C ARG A 291 -28.90 -2.83 -4.87
N LEU A 292 -29.47 -1.68 -5.20
CA LEU A 292 -28.70 -0.46 -5.35
C LEU A 292 -28.03 -0.12 -4.03
N PRO A 293 -26.84 0.51 -4.08
CA PRO A 293 -26.22 1.09 -5.28
C PRO A 293 -25.63 0.09 -6.28
N VAL A 294 -25.53 -1.18 -5.89
CA VAL A 294 -25.00 -2.19 -6.80
C VAL A 294 -25.90 -2.33 -8.02
N GLN A 295 -25.30 -2.29 -9.21
CA GLN A 295 -26.04 -2.33 -10.45
C GLN A 295 -25.90 -3.67 -11.16
N ALA A 296 -26.90 -4.01 -11.99
CA ALA A 296 -26.86 -5.23 -12.78
C ALA A 296 -25.72 -5.17 -13.79
N LEU A 297 -25.27 -6.34 -14.23
CA LEU A 297 -24.20 -6.43 -15.22
C LEU A 297 -24.63 -5.74 -16.52
N ASP A 298 -23.74 -4.96 -17.10
CA ASP A 298 -24.05 -4.24 -18.33
C ASP A 298 -24.06 -5.16 -19.54
N THR A 299 -24.54 -4.64 -20.67
CA THR A 299 -24.66 -5.43 -21.90
C THR A 299 -23.33 -6.05 -22.31
N GLU A 300 -22.30 -5.23 -22.36
CA GLU A 300 -20.97 -5.69 -22.74
C GLU A 300 -20.50 -6.82 -21.81
N GLY A 301 -20.74 -6.65 -20.52
CA GLY A 301 -20.38 -7.66 -19.52
C GLY A 301 -21.15 -8.95 -19.72
N CYS A 302 -22.46 -8.82 -19.96
CA CYS A 302 -23.30 -9.99 -20.22
C CYS A 302 -22.79 -10.76 -21.43
N ARG A 303 -22.38 -10.03 -22.46
CA ARG A 303 -21.88 -10.65 -23.69
C ARG A 303 -20.60 -11.43 -23.40
N TYR A 304 -19.69 -10.82 -22.66
CA TYR A 304 -18.45 -11.48 -22.28
C TYR A 304 -18.72 -12.70 -21.41
N LEU A 305 -19.61 -12.54 -20.44
CA LEU A 305 -19.95 -13.62 -19.51
C LEU A 305 -20.58 -14.80 -20.24
N GLN A 306 -21.52 -14.52 -21.13
CA GLN A 306 -22.16 -15.57 -21.91
C GLN A 306 -21.11 -16.38 -22.66
N GLY A 307 -20.09 -15.69 -23.17
CA GLY A 307 -19.02 -16.33 -23.90
C GLY A 307 -18.16 -17.22 -23.03
N LEU A 308 -17.83 -16.74 -21.84
CA LEU A 308 -17.05 -17.53 -20.89
C LEU A 308 -17.78 -18.82 -20.52
N LEU A 309 -19.05 -18.69 -20.17
CA LEU A 309 -19.84 -19.83 -19.73
C LEU A 309 -20.00 -20.88 -20.83
N GLU A 310 -20.29 -20.43 -22.04
CA GLU A 310 -20.43 -21.34 -23.17
C GLU A 310 -19.12 -22.08 -23.43
N GLU A 311 -18.01 -21.38 -23.25
CA GLU A 311 -16.69 -21.97 -23.43
C GLU A 311 -16.42 -23.06 -22.39
N LEU A 312 -16.91 -22.83 -21.16
CA LEU A 312 -16.65 -23.75 -20.06
C LEU A 312 -17.61 -24.93 -20.04
N ARG A 313 -18.77 -24.78 -20.67
CA ARG A 313 -19.80 -25.81 -20.68
C ARG A 313 -19.82 -26.57 -22.00
N ALA B 23 21.63 -25.60 -23.70
CA ALA B 23 21.25 -26.23 -22.40
C ALA B 23 20.04 -25.55 -21.79
N SER B 24 19.04 -26.35 -21.42
CA SER B 24 17.82 -25.82 -20.82
C SER B 24 18.09 -25.20 -19.45
N ILE B 25 17.49 -24.04 -19.21
CA ILE B 25 17.53 -23.41 -17.90
C ILE B 25 16.26 -23.78 -17.14
N HIS B 26 16.42 -24.53 -16.06
CA HIS B 26 15.27 -25.09 -15.36
C HIS B 26 15.66 -25.53 -13.95
N GLY B 27 14.67 -26.02 -13.22
CA GLY B 27 14.89 -26.62 -11.91
C GLY B 27 15.49 -25.69 -10.88
N ILE B 28 16.55 -26.15 -10.21
CA ILE B 28 17.17 -25.40 -9.14
C ILE B 28 18.34 -24.56 -9.67
N ILE B 29 18.15 -23.25 -9.68
CA ILE B 29 19.19 -22.33 -10.13
C ILE B 29 19.80 -21.63 -8.93
N GLY B 30 21.06 -21.94 -8.65
CA GLY B 30 21.72 -21.45 -7.44
C GLY B 30 22.37 -20.08 -7.56
N TYR B 31 21.91 -19.14 -6.75
CA TYR B 31 22.56 -17.85 -6.62
C TYR B 31 23.84 -18.04 -5.80
N THR B 32 24.94 -17.47 -6.27
CA THR B 32 26.19 -17.52 -5.53
C THR B 32 26.36 -16.26 -4.68
N ILE B 33 27.04 -16.40 -3.55
CA ILE B 33 27.45 -15.23 -2.77
C ILE B 33 28.82 -14.78 -3.25
N THR B 34 29.24 -13.60 -2.81
CA THR B 34 30.57 -13.09 -3.14
C THR B 34 31.40 -12.94 -1.86
N PRO B 35 32.26 -13.92 -1.58
CA PRO B 35 33.10 -13.90 -0.39
C PRO B 35 34.11 -12.76 -0.43
N PHE B 36 34.32 -12.11 0.68
CA PHE B 36 35.30 -11.09 0.75
C PHE B 36 36.33 -11.48 1.80
N ALA B 37 37.58 -11.16 1.55
CA ALA B 37 38.61 -11.44 2.54
C ALA B 37 38.77 -10.28 3.50
N ASP B 39 40.54 -8.48 4.84
CA ASP B 39 41.26 -7.53 3.99
C ASP B 39 40.35 -6.77 3.02
N GLY B 40 39.11 -7.18 2.94
CA GLY B 40 38.06 -6.40 2.29
C GLY B 40 37.84 -6.76 0.83
N GLY B 41 38.90 -7.14 0.15
CA GLY B 41 38.82 -7.50 -1.26
C GLY B 41 38.15 -8.84 -1.48
N LEU B 42 38.13 -9.29 -2.73
CA LEU B 42 37.49 -10.56 -3.09
C LEU B 42 38.27 -11.76 -2.56
N ASP B 43 37.54 -12.82 -2.22
CA ASP B 43 38.16 -14.09 -1.84
C ASP B 43 37.76 -15.14 -2.87
N LEU B 44 38.41 -15.11 -4.02
CA LEU B 44 38.04 -15.97 -5.14
C LEU B 44 38.13 -17.46 -4.81
N PRO B 45 39.18 -17.86 -4.07
CA PRO B 45 39.31 -19.27 -3.68
C PRO B 45 38.06 -19.74 -2.94
N ALA B 46 37.55 -18.92 -2.03
CA ALA B 46 36.34 -19.26 -1.29
C ALA B 46 35.13 -19.35 -2.21
N LEU B 47 35.08 -18.44 -3.19
CA LEU B 47 34.00 -18.45 -4.17
C LEU B 47 34.03 -19.76 -4.96
N GLY B 48 35.22 -20.14 -5.41
CA GLY B 48 35.40 -21.39 -6.15
C GLY B 48 34.88 -22.57 -5.36
N ARG B 49 35.21 -22.60 -4.07
CA ARG B 49 34.76 -23.67 -3.19
C ARG B 49 33.24 -23.69 -3.07
N SER B 50 32.63 -22.52 -2.97
CA SER B 50 31.18 -22.43 -2.85
C SER B 50 30.50 -22.90 -4.14
N ILE B 51 31.08 -22.56 -5.28
CA ILE B 51 30.54 -22.99 -6.56
C ILE B 51 30.58 -24.50 -6.72
N GLU B 52 31.70 -25.10 -6.32
CA GLU B 52 31.85 -26.55 -6.38
C GLU B 52 30.77 -27.22 -5.54
N ARG B 53 30.53 -26.69 -4.34
CA ARG B 53 29.49 -27.21 -3.46
CA ARG B 53 29.50 -27.23 -3.46
C ARG B 53 28.15 -27.24 -4.17
N LEU B 54 27.77 -26.11 -4.76
CA LEU B 54 26.49 -25.98 -5.44
C LEU B 54 26.34 -26.99 -6.56
N ILE B 55 27.37 -27.11 -7.39
CA ILE B 55 27.35 -28.06 -8.50
C ILE B 55 27.30 -29.50 -7.96
N ASP B 56 28.14 -29.79 -6.98
CA ASP B 56 28.07 -31.08 -6.30
C ASP B 56 26.68 -31.26 -5.70
N GLY B 57 26.09 -30.15 -5.27
CA GLY B 57 24.79 -30.16 -4.61
C GLY B 57 23.62 -30.45 -5.53
N GLY B 58 23.88 -30.44 -6.83
CA GLY B 58 22.85 -30.81 -7.81
C GLY B 58 22.09 -29.66 -8.46
N VAL B 59 22.61 -28.45 -8.34
CA VAL B 59 21.95 -27.31 -8.98
C VAL B 59 21.97 -27.50 -10.50
N HIS B 60 20.93 -27.02 -11.15
CA HIS B 60 20.81 -27.19 -12.60
C HIS B 60 21.42 -26.01 -13.35
N ALA B 61 21.77 -24.96 -12.61
CA ALA B 61 22.38 -23.77 -13.19
C ALA B 61 22.96 -22.87 -12.11
N ILE B 62 23.84 -21.96 -12.52
CA ILE B 62 24.47 -21.02 -11.61
C ILE B 62 24.09 -19.59 -11.98
N ALA B 63 23.79 -18.78 -10.97
CA ALA B 63 23.40 -17.39 -11.21
C ALA B 63 24.21 -16.46 -10.31
N PRO B 64 25.31 -15.90 -10.85
CA PRO B 64 26.19 -15.04 -10.08
C PRO B 64 25.82 -13.56 -10.15
N LEU B 65 26.20 -12.82 -9.13
CA LEU B 65 26.12 -11.36 -9.12
C LEU B 65 24.70 -10.80 -8.96
N GLY B 66 23.82 -11.59 -8.36
CA GLY B 66 22.49 -11.11 -7.99
C GLY B 66 22.57 -10.43 -6.64
N SER B 67 21.41 -10.19 -6.02
CA SER B 67 21.37 -9.61 -4.68
C SER B 67 22.15 -10.49 -3.71
N THR B 68 22.00 -11.81 -3.87
CA THR B 68 22.72 -12.76 -3.05
C THR B 68 24.22 -12.51 -3.08
N GLY B 69 24.74 -12.19 -4.27
CA GLY B 69 26.16 -11.95 -4.45
C GLY B 69 26.58 -10.51 -4.24
N GLU B 70 25.65 -9.69 -3.75
CA GLU B 70 25.93 -8.28 -3.48
C GLU B 70 26.53 -7.61 -4.71
N GLY B 71 26.10 -8.03 -5.89
CA GLY B 71 26.64 -7.51 -7.14
C GLY B 71 26.74 -6.00 -7.19
N ALA B 72 25.73 -5.32 -6.67
CA ALA B 72 25.68 -3.86 -6.71
C ALA B 72 26.72 -3.20 -5.82
N TYR B 73 27.23 -3.94 -4.83
CA TYR B 73 28.25 -3.40 -3.92
C TYR B 73 29.65 -3.51 -4.51
N LEU B 74 29.78 -4.19 -5.64
CA LEU B 74 31.10 -4.42 -6.24
C LEU B 74 31.52 -3.29 -7.16
N SER B 75 32.80 -2.96 -7.14
CA SER B 75 33.36 -2.02 -8.10
C SER B 75 33.32 -2.69 -9.47
N ASP B 76 33.46 -1.91 -10.53
CA ASP B 76 33.44 -2.47 -11.87
C ASP B 76 34.53 -3.53 -12.05
N PRO B 77 35.74 -3.24 -11.57
CA PRO B 77 36.85 -4.20 -11.62
C PRO B 77 36.53 -5.50 -10.89
N GLU B 78 35.90 -5.38 -9.72
CA GLU B 78 35.52 -6.57 -8.95
C GLU B 78 34.45 -7.38 -9.68
N TRP B 79 33.45 -6.67 -10.21
CA TRP B 79 32.38 -7.31 -10.96
C TRP B 79 32.95 -8.12 -12.12
N ASP B 80 33.79 -7.49 -12.93
CA ASP B 80 34.42 -8.15 -14.07
C ASP B 80 35.18 -9.40 -13.63
N GLU B 81 35.91 -9.27 -12.52
CA GLU B 81 36.70 -10.36 -11.99
CA GLU B 81 36.70 -10.38 -12.01
C GLU B 81 35.82 -11.55 -11.59
N VAL B 82 34.72 -11.25 -10.90
CA VAL B 82 33.81 -12.29 -10.43
C VAL B 82 33.17 -13.03 -11.61
N VAL B 83 32.76 -12.28 -12.63
CA VAL B 83 32.15 -12.88 -13.81
C VAL B 83 33.11 -13.87 -14.46
N ASP B 84 34.32 -13.40 -14.75
CA ASP B 84 35.33 -14.23 -15.41
C ASP B 84 35.62 -15.48 -14.58
N PHE B 85 35.93 -15.28 -13.31
CA PHE B 85 36.28 -16.40 -12.43
C PHE B 85 35.14 -17.40 -12.33
N THR B 86 33.91 -16.90 -12.23
CA THR B 86 32.75 -17.77 -12.11
C THR B 86 32.59 -18.65 -13.34
N LEU B 87 32.67 -18.03 -14.51
CA LEU B 87 32.51 -18.76 -15.77
C LEU B 87 33.59 -19.82 -15.94
N LYS B 88 34.83 -19.46 -15.62
CA LYS B 88 35.94 -20.40 -15.71
C LYS B 88 35.76 -21.58 -14.76
N THR B 89 35.34 -21.29 -13.54
CA THR B 89 35.13 -22.33 -12.53
C THR B 89 34.04 -23.32 -12.95
N VAL B 90 32.88 -22.78 -13.32
CA VAL B 90 31.76 -23.62 -13.75
C VAL B 90 32.15 -24.51 -14.93
N ALA B 91 32.98 -23.97 -15.82
CA ALA B 91 33.47 -24.72 -16.97
C ALA B 91 32.35 -25.39 -17.75
N HIS B 92 31.21 -24.70 -17.83
CA HIS B 92 30.08 -25.16 -18.63
C HIS B 92 29.53 -26.52 -18.20
N ARG B 93 29.76 -26.88 -16.95
CA ARG B 93 29.17 -28.09 -16.39
C ARG B 93 27.66 -27.89 -16.25
N VAL B 94 27.27 -26.65 -15.95
CA VAL B 94 25.88 -26.25 -15.97
C VAL B 94 25.81 -24.85 -16.57
N PRO B 95 24.63 -24.45 -17.06
CA PRO B 95 24.47 -23.11 -17.63
C PRO B 95 24.68 -22.04 -16.57
N THR B 96 25.31 -20.93 -16.96
CA THR B 96 25.47 -19.80 -16.07
C THR B 96 24.69 -18.61 -16.62
N ILE B 97 23.85 -18.03 -15.76
CA ILE B 97 23.07 -16.87 -16.14
C ILE B 97 23.49 -15.66 -15.31
N VAL B 98 24.19 -14.73 -15.94
CA VAL B 98 24.79 -13.61 -15.23
C VAL B 98 23.85 -12.41 -15.11
N SER B 99 23.75 -11.87 -13.91
CA SER B 99 23.00 -10.64 -13.69
C SER B 99 23.82 -9.45 -14.16
N VAL B 100 23.38 -8.82 -15.25
CA VAL B 100 24.14 -7.74 -15.86
C VAL B 100 23.44 -6.40 -15.68
N SER B 101 22.35 -6.41 -14.91
CA SER B 101 21.58 -5.20 -14.67
C SER B 101 22.45 -4.07 -14.13
N ASP B 102 22.26 -2.88 -14.67
CA ASP B 102 22.88 -1.67 -14.12
C ASP B 102 21.97 -0.48 -14.40
N LEU B 103 22.33 0.69 -13.89
CA LEU B 103 21.49 1.86 -14.00
C LEU B 103 21.35 2.37 -15.43
N THR B 104 22.48 2.59 -16.10
CA THR B 104 22.47 3.09 -17.47
C THR B 104 22.31 1.95 -18.47
N THR B 105 21.67 2.25 -19.59
CA THR B 105 21.56 1.28 -20.68
C THR B 105 22.96 0.94 -21.21
N ALA B 106 23.77 1.97 -21.42
CA ALA B 106 25.12 1.79 -21.95
C ALA B 106 25.91 0.77 -21.13
N LYS B 107 25.85 0.89 -19.81
CA LYS B 107 26.58 -0.01 -18.92
C LYS B 107 25.96 -1.41 -18.90
N THR B 108 24.64 -1.48 -18.90
CA THR B 108 23.95 -2.76 -18.93
C THR B 108 24.31 -3.53 -20.20
N VAL B 109 24.32 -2.82 -21.33
CA VAL B 109 24.71 -3.40 -22.60
C VAL B 109 26.15 -3.90 -22.56
N ARG B 110 27.03 -3.08 -21.98
CA ARG B 110 28.44 -3.43 -21.90
C ARG B 110 28.65 -4.70 -21.07
N ARG B 111 27.97 -4.78 -19.93
CA ARG B 111 28.08 -5.95 -19.07
C ARG B 111 27.51 -7.21 -19.72
N ALA B 112 26.44 -7.05 -20.49
CA ALA B 112 25.85 -8.17 -21.20
C ALA B 112 26.81 -8.74 -22.24
N GLN B 113 27.43 -7.85 -23.00
CA GLN B 113 28.39 -8.25 -24.02
C GLN B 113 29.64 -8.86 -23.39
N PHE B 114 30.07 -8.29 -22.26
CA PHE B 114 31.24 -8.78 -21.55
C PHE B 114 30.98 -10.21 -21.07
N ALA B 115 29.84 -10.41 -20.43
CA ALA B 115 29.46 -11.74 -19.94
C ALA B 115 29.39 -12.75 -21.08
N GLU B 116 28.79 -12.34 -22.20
CA GLU B 116 28.66 -13.22 -23.35
C GLU B 116 30.04 -13.61 -23.90
N SER B 117 30.90 -12.61 -24.07
CA SER B 117 32.24 -12.85 -24.61
C SER B 117 33.04 -13.80 -23.75
N LEU B 118 32.73 -13.82 -22.46
CA LEU B 118 33.45 -14.70 -21.52
C LEU B 118 32.82 -16.09 -21.38
N GLY B 119 31.69 -16.31 -22.05
CA GLY B 119 31.12 -17.64 -22.13
C GLY B 119 29.74 -17.85 -21.51
N ALA B 120 29.12 -16.78 -21.02
CA ALA B 120 27.82 -16.90 -20.37
C ALA B 120 26.77 -17.47 -21.31
N GLU B 121 25.99 -18.43 -20.81
CA GLU B 121 24.91 -19.03 -21.60
C GLU B 121 23.71 -18.09 -21.71
N ALA B 122 23.58 -17.21 -20.73
CA ALA B 122 22.46 -16.27 -20.70
C ALA B 122 22.75 -15.13 -19.74
N VAL B 123 21.96 -14.07 -19.83
CA VAL B 123 22.09 -12.95 -18.92
C VAL B 123 20.73 -12.59 -18.34
N VAL B 125 18.35 -9.40 -16.68
CA VAL B 125 18.23 -7.96 -16.67
C VAL B 125 17.06 -7.46 -15.84
N LEU B 126 17.37 -6.63 -14.84
CA LEU B 126 16.37 -5.98 -14.00
C LEU B 126 16.50 -4.47 -14.20
N PRO B 127 15.37 -3.80 -14.47
CA PRO B 127 15.39 -2.36 -14.70
C PRO B 127 15.61 -1.57 -13.42
N ILE B 128 16.87 -1.37 -13.05
CA ILE B 128 17.21 -0.61 -11.85
C ILE B 128 17.10 0.88 -12.08
N SER B 129 16.59 1.60 -11.10
CA SER B 129 16.44 3.05 -11.21
C SER B 129 16.07 3.69 -9.88
N TYR B 130 16.75 4.78 -9.55
CA TYR B 130 16.44 5.54 -8.34
C TYR B 130 15.33 6.54 -8.62
N TRP B 131 14.67 6.36 -9.76
CA TRP B 131 13.52 7.16 -10.14
C TRP B 131 12.72 6.40 -11.18
N LYS B 132 11.40 6.52 -11.12
CA LYS B 132 10.54 5.75 -11.99
C LYS B 132 10.88 5.93 -13.47
N LEU B 133 10.77 4.83 -14.22
CA LEU B 133 10.91 4.89 -15.67
C LEU B 133 9.55 4.55 -16.28
N ASN B 134 9.23 5.18 -17.41
CA ASN B 134 7.98 4.87 -18.08
C ASN B 134 8.10 3.60 -18.93
N GLU B 135 6.96 3.04 -19.33
CA GLU B 135 6.95 1.79 -20.08
C GLU B 135 7.78 1.85 -21.36
N ALA B 136 7.80 3.03 -21.99
CA ALA B 136 8.56 3.22 -23.21
C ALA B 136 10.06 3.16 -22.92
N GLU B 137 10.47 3.76 -21.81
CA GLU B 137 11.87 3.79 -21.42
C GLU B 137 12.35 2.39 -21.02
N VAL B 138 11.49 1.64 -20.36
CA VAL B 138 11.81 0.27 -19.96
C VAL B 138 11.94 -0.64 -21.18
N PHE B 139 10.95 -0.58 -22.05
CA PHE B 139 10.94 -1.40 -23.26
C PHE B 139 12.20 -1.20 -24.08
N GLN B 140 12.58 0.06 -24.28
CA GLN B 140 13.75 0.38 -25.07
CA GLN B 140 13.75 0.39 -25.08
C GLN B 140 15.04 -0.07 -24.40
N HIS B 141 15.02 -0.10 -23.06
CA HIS B 141 16.16 -0.57 -22.29
C HIS B 141 16.45 -2.03 -22.64
N TYR B 142 15.40 -2.85 -22.64
CA TYR B 142 15.53 -4.26 -22.95
C TYR B 142 15.83 -4.49 -24.42
N ARG B 143 15.24 -3.67 -25.28
CA ARG B 143 15.50 -3.77 -26.72
C ARG B 143 16.99 -3.56 -27.00
N ALA B 144 17.56 -2.56 -26.34
CA ALA B 144 18.98 -2.23 -26.53
C ALA B 144 19.88 -3.39 -26.11
N VAL B 145 19.59 -3.98 -24.96
CA VAL B 145 20.38 -5.10 -24.46
C VAL B 145 20.24 -6.33 -25.36
N GLY B 146 19.01 -6.67 -25.70
CA GLY B 146 18.73 -7.83 -26.53
C GLY B 146 19.44 -7.77 -27.88
N GLU B 147 19.43 -6.60 -28.50
CA GLU B 147 20.00 -6.43 -29.84
C GLU B 147 21.52 -6.43 -29.82
N ALA B 148 22.11 -6.28 -28.64
CA ALA B 148 23.57 -6.17 -28.51
C ALA B 148 24.25 -7.51 -28.30
N ILE B 149 23.47 -8.55 -28.04
CA ILE B 149 24.04 -9.86 -27.74
C ILE B 149 23.41 -10.98 -28.54
N GLY B 150 24.01 -12.16 -28.47
CA GLY B 150 23.51 -13.34 -29.19
C GLY B 150 23.07 -14.45 -28.25
N VAL B 151 22.90 -14.11 -26.97
CA VAL B 151 22.43 -15.07 -25.98
C VAL B 151 21.12 -14.61 -25.36
N PRO B 152 20.33 -15.55 -24.85
CA PRO B 152 19.02 -15.27 -24.27
C PRO B 152 19.09 -14.31 -23.08
N VAL B 153 18.05 -13.50 -22.93
CA VAL B 153 17.94 -12.60 -21.79
C VAL B 153 16.77 -13.01 -20.91
N LEU B 155 14.28 -11.68 -18.41
CA LEU B 155 13.69 -10.48 -17.85
C LEU B 155 13.30 -10.73 -16.40
N TYR B 156 13.74 -9.83 -15.52
CA TYR B 156 13.56 -10.01 -14.09
C TYR B 156 12.76 -8.87 -13.47
N ASN B 157 11.57 -9.21 -12.98
CA ASN B 157 10.71 -8.22 -12.34
C ASN B 157 10.78 -8.32 -10.82
N ASN B 158 11.36 -7.31 -10.19
CA ASN B 158 11.45 -7.26 -8.73
C ASN B 158 11.39 -5.83 -8.23
N PRO B 159 10.18 -5.28 -8.14
CA PRO B 159 9.98 -3.89 -7.69
C PRO B 159 10.55 -3.66 -6.30
N GLY B 160 10.55 -4.70 -5.48
CA GLY B 160 11.06 -4.61 -4.12
C GLY B 160 12.52 -4.19 -4.08
N THR B 161 13.29 -4.65 -5.04
CA THR B 161 14.73 -4.37 -5.06
C THR B 161 15.11 -3.39 -6.17
N SER B 162 14.23 -3.24 -7.17
CA SER B 162 14.52 -2.41 -8.32
C SER B 162 13.82 -1.06 -8.26
N GLY B 163 12.63 -1.03 -7.66
CA GLY B 163 11.83 0.18 -7.60
C GLY B 163 10.92 0.33 -8.80
N ILE B 164 11.04 -0.61 -9.74
CA ILE B 164 10.22 -0.62 -10.94
C ILE B 164 9.35 -1.88 -10.99
N ASP B 165 8.05 -1.69 -11.19
CA ASP B 165 7.13 -2.82 -11.26
C ASP B 165 6.53 -2.94 -12.66
N SER B 167 4.26 -4.45 -15.52
CA SER B 167 3.00 -5.18 -15.68
C SER B 167 3.24 -6.40 -16.55
N VAL B 168 2.38 -7.41 -16.40
CA VAL B 168 2.49 -8.62 -17.19
C VAL B 168 2.31 -8.31 -18.68
N GLU B 169 1.42 -7.37 -18.98
CA GLU B 169 1.20 -6.95 -20.36
C GLU B 169 2.47 -6.39 -20.99
N LEU B 170 3.15 -5.51 -20.26
CA LEU B 170 4.41 -4.93 -20.74
C LEU B 170 5.46 -6.02 -20.90
N ILE B 171 5.60 -6.87 -19.89
CA ILE B 171 6.56 -7.96 -19.94
C ILE B 171 6.37 -8.81 -21.19
N LEU B 172 5.13 -9.16 -21.49
CA LEU B 172 4.83 -9.98 -22.65
C LEU B 172 5.12 -9.25 -23.96
N ARG B 173 4.90 -7.94 -23.98
CA ARG B 173 5.23 -7.14 -25.15
C ARG B 173 6.74 -7.20 -25.41
N ILE B 174 7.51 -7.11 -24.34
CA ILE B 174 8.97 -7.16 -24.44
C ILE B 174 9.45 -8.53 -24.90
N VAL B 175 8.85 -9.58 -24.37
CA VAL B 175 9.22 -10.94 -24.74
C VAL B 175 8.93 -11.23 -26.21
N ARG B 176 7.78 -10.75 -26.69
CA ARG B 176 7.40 -11.03 -28.06
CA ARG B 176 7.34 -10.98 -28.07
C ARG B 176 8.11 -10.14 -29.07
N GLU B 177 8.40 -8.90 -28.70
CA GLU B 177 9.03 -7.97 -29.62
C GLU B 177 10.56 -8.00 -29.63
N VAL B 178 11.15 -8.34 -28.49
CA VAL B 178 12.61 -8.46 -28.40
C VAL B 178 13.02 -9.93 -28.49
N ASP B 179 13.60 -10.30 -29.62
CA ASP B 179 13.97 -11.69 -29.88
C ASP B 179 14.64 -12.37 -28.69
N ASN B 180 15.75 -11.80 -28.24
CA ASN B 180 16.59 -12.46 -27.23
C ASN B 180 15.99 -12.53 -25.82
N VAL B 181 15.01 -11.68 -25.53
CA VAL B 181 14.30 -11.77 -24.26
C VAL B 181 13.31 -12.92 -24.33
N THR B 182 13.65 -14.04 -23.68
CA THR B 182 12.90 -15.28 -23.86
C THR B 182 12.33 -15.84 -22.56
N VAL B 184 11.17 -15.09 -18.19
CA VAL B 184 10.69 -14.12 -17.22
C VAL B 184 10.81 -14.63 -15.78
N LYS B 185 11.49 -13.87 -14.94
CA LYS B 185 11.57 -14.20 -13.52
C LYS B 185 10.68 -13.25 -12.71
N GLU B 186 9.84 -13.83 -11.86
CA GLU B 186 8.96 -13.05 -10.99
C GLU B 186 9.36 -13.19 -9.53
N SER B 187 9.55 -12.05 -8.86
CA SER B 187 9.93 -12.05 -7.46
C SER B 187 9.04 -11.13 -6.63
N THR B 188 7.90 -10.73 -7.20
CA THR B 188 6.97 -9.84 -6.50
C THR B 188 6.32 -10.54 -5.31
N GLY B 189 6.31 -11.87 -5.33
CA GLY B 189 5.63 -12.65 -4.31
C GLY B 189 4.15 -12.76 -4.59
N ASP B 190 3.71 -12.13 -5.68
CA ASP B 190 2.31 -12.12 -6.08
C ASP B 190 2.03 -13.22 -7.10
N ILE B 191 1.44 -14.32 -6.65
CA ILE B 191 1.20 -15.47 -7.50
C ILE B 191 0.33 -15.13 -8.71
N GLN B 192 -0.54 -14.12 -8.57
CA GLN B 192 -1.42 -13.75 -9.66
C GLN B 192 -0.64 -13.28 -10.90
N ARG B 193 0.55 -12.75 -10.69
CA ARG B 193 1.40 -12.35 -11.80
C ARG B 193 1.75 -13.56 -12.67
N HIS B 195 0.00 -16.45 -12.77
CA HIS B 195 -1.24 -16.90 -13.39
C HIS B 195 -1.46 -16.16 -14.70
N LYS B 196 -1.30 -14.84 -14.66
CA LYS B 196 -1.49 -14.02 -15.86
C LYS B 196 -0.49 -14.39 -16.94
N LEU B 197 0.78 -14.49 -16.56
CA LEU B 197 1.82 -14.90 -17.49
C LEU B 197 1.41 -16.21 -18.16
N ARG B 198 0.84 -17.12 -17.38
CA ARG B 198 0.41 -18.41 -17.88
CA ARG B 198 0.42 -18.42 -17.88
C ARG B 198 -0.71 -18.27 -18.90
N LEU B 199 -1.76 -17.55 -18.51
CA LEU B 199 -2.93 -17.37 -19.37
C LEU B 199 -2.64 -16.50 -20.60
N LEU B 200 -2.16 -15.28 -20.37
CA LEU B 200 -1.92 -14.34 -21.45
C LEU B 200 -0.80 -14.79 -22.37
N GLY B 201 0.15 -15.54 -21.83
CA GLY B 201 1.25 -16.09 -22.62
C GLY B 201 0.88 -17.43 -23.22
N GLU B 202 -0.32 -17.88 -22.91
CA GLU B 202 -0.83 -19.14 -23.45
C GLU B 202 0.14 -20.29 -23.22
N GLY B 203 0.89 -20.21 -22.12
CA GLY B 203 1.81 -21.28 -21.74
C GLY B 203 3.05 -21.38 -22.60
N ARG B 204 3.28 -20.39 -23.45
CA ARG B 204 4.45 -20.39 -24.33
C ARG B 204 5.62 -19.63 -23.71
N VAL B 205 5.33 -18.77 -22.75
CA VAL B 205 6.37 -17.97 -22.11
C VAL B 205 6.81 -18.60 -20.79
N PRO B 206 8.02 -19.16 -20.76
CA PRO B 206 8.55 -19.80 -19.55
C PRO B 206 8.84 -18.77 -18.46
N PHE B 207 8.32 -19.01 -17.26
CA PHE B 207 8.58 -18.10 -16.15
C PHE B 207 9.27 -18.80 -14.99
N TYR B 208 9.99 -18.02 -14.18
CA TYR B 208 10.79 -18.58 -13.10
C TYR B 208 10.47 -17.89 -11.78
N ASN B 209 10.59 -18.65 -10.70
CA ASN B 209 10.33 -18.12 -9.36
C ASN B 209 11.59 -17.55 -8.71
N GLY B 210 11.48 -16.35 -8.18
CA GLY B 210 12.59 -15.73 -7.47
C GLY B 210 12.26 -15.45 -6.02
N ASN B 212 11.51 -17.12 -2.51
CA ASN B 212 11.66 -18.38 -1.76
C ASN B 212 10.38 -18.93 -1.14
N PRO B 213 9.69 -18.12 -0.32
CA PRO B 213 8.48 -18.57 0.38
C PRO B 213 7.32 -18.88 -0.55
N LEU B 214 7.52 -18.70 -1.85
CA LEU B 214 6.48 -18.99 -2.82
C LEU B 214 6.88 -20.18 -3.69
N ALA B 215 7.97 -20.84 -3.30
CA ALA B 215 8.53 -21.92 -4.11
C ALA B 215 7.51 -22.98 -4.52
N LEU B 216 6.75 -23.48 -3.56
CA LEU B 216 5.76 -24.53 -3.84
C LEU B 216 4.68 -24.05 -4.80
N GLU B 217 4.01 -22.96 -4.45
CA GLU B 217 2.93 -22.41 -5.28
C GLU B 217 3.43 -22.05 -6.68
N ALA B 218 4.63 -21.49 -6.76
CA ALA B 218 5.21 -21.11 -8.05
C ALA B 218 5.34 -22.32 -8.96
N PHE B 219 5.90 -23.41 -8.44
CA PHE B 219 6.03 -24.64 -9.21
C PHE B 219 4.67 -25.16 -9.67
N VAL B 220 3.71 -25.19 -8.76
CA VAL B 220 2.38 -25.70 -9.09
C VAL B 220 1.70 -24.81 -10.13
N ALA B 221 2.02 -23.52 -10.11
CA ALA B 221 1.45 -22.58 -11.07
C ALA B 221 2.07 -22.76 -12.45
N GLY B 222 3.21 -23.45 -12.51
CA GLY B 222 3.84 -23.77 -13.78
C GLY B 222 5.26 -23.27 -13.93
N ALA B 223 5.81 -22.67 -12.88
CA ALA B 223 7.18 -22.16 -12.93
C ALA B 223 8.12 -23.23 -13.47
N LYS B 224 8.98 -22.84 -14.39
CA LYS B 224 9.92 -23.77 -15.02
C LYS B 224 11.15 -23.97 -14.15
N GLY B 225 11.45 -22.98 -13.32
CA GLY B 225 12.61 -23.04 -12.45
C GLY B 225 12.49 -22.15 -11.23
N TRP B 226 13.42 -22.33 -10.30
CA TRP B 226 13.43 -21.59 -9.05
C TRP B 226 14.84 -21.08 -8.80
N CYS B 227 15.01 -19.76 -8.85
CA CYS B 227 16.29 -19.14 -8.57
C CYS B 227 16.40 -18.83 -7.09
N SER B 228 17.35 -19.47 -6.41
CA SER B 228 17.43 -19.36 -4.97
C SER B 228 18.87 -19.42 -4.46
N ALA B 229 19.12 -18.80 -3.31
CA ALA B 229 20.41 -18.88 -2.64
C ALA B 229 20.37 -20.01 -1.61
N ALA B 230 19.20 -20.61 -1.44
CA ALA B 230 19.02 -21.66 -0.43
C ALA B 230 19.88 -22.89 -0.68
N PRO B 231 20.13 -23.22 -1.96
CA PRO B 231 20.95 -24.38 -2.31
C PRO B 231 22.35 -24.29 -1.69
N ASN B 232 22.75 -23.10 -1.28
CA ASN B 232 24.02 -22.93 -0.59
C ASN B 232 24.00 -23.63 0.77
N LEU B 233 22.80 -23.84 1.30
CA LEU B 233 22.64 -24.40 2.65
C LEU B 233 21.91 -25.74 2.69
N ILE B 234 20.86 -25.88 1.87
CA ILE B 234 20.05 -27.09 1.87
C ILE B 234 19.73 -27.59 0.47
N PRO B 235 20.76 -27.85 -0.34
CA PRO B 235 20.59 -28.25 -1.73
C PRO B 235 19.75 -29.50 -1.88
N THR B 236 19.78 -30.38 -0.87
CA THR B 236 19.02 -31.62 -0.93
C THR B 236 17.52 -31.40 -0.90
N LEU B 237 17.06 -30.65 0.11
CA LEU B 237 15.63 -30.35 0.23
C LEU B 237 15.11 -29.55 -0.95
N ASN B 238 15.93 -28.62 -1.45
CA ASN B 238 15.57 -27.84 -2.62
C ASN B 238 15.33 -28.74 -3.83
N GLY B 239 16.30 -29.60 -4.11
CA GLY B 239 16.22 -30.51 -5.24
C GLY B 239 15.06 -31.49 -5.13
N GLN B 240 14.80 -31.95 -3.91
CA GLN B 240 13.72 -32.90 -3.68
C GLN B 240 12.36 -32.27 -3.95
N LEU B 241 12.22 -30.99 -3.60
CA LEU B 241 10.98 -30.27 -3.87
C LEU B 241 10.73 -30.22 -5.36
N TYR B 242 11.76 -29.85 -6.12
CA TYR B 242 11.65 -29.78 -7.57
C TYR B 242 11.29 -31.15 -8.16
N GLN B 243 11.99 -32.19 -7.73
CA GLN B 243 11.73 -33.53 -8.21
C GLN B 243 10.28 -33.95 -7.92
N ALA B 244 9.83 -33.69 -6.70
CA ALA B 244 8.46 -34.03 -6.31
C ALA B 244 7.44 -33.37 -7.24
N VAL B 245 7.72 -32.13 -7.63
CA VAL B 245 6.86 -31.42 -8.57
C VAL B 245 6.88 -32.11 -9.93
N LEU B 246 8.07 -32.46 -10.40
CA LEU B 246 8.21 -33.16 -11.67
C LEU B 246 7.44 -34.47 -11.65
N ASP B 247 7.44 -35.15 -10.51
CA ASP B 247 6.74 -36.42 -10.37
C ASP B 247 5.24 -36.21 -10.24
N GLY B 248 4.82 -34.94 -10.15
CA GLY B 248 3.41 -34.61 -9.98
C GLY B 248 2.87 -35.07 -8.64
N ASP B 249 3.77 -35.30 -7.68
CA ASP B 249 3.39 -35.75 -6.36
C ASP B 249 3.09 -34.57 -5.44
N LEU B 250 1.84 -34.10 -5.47
CA LEU B 250 1.44 -32.91 -4.75
C LEU B 250 1.70 -33.01 -3.24
N GLU B 251 1.39 -34.16 -2.66
CA GLU B 251 1.48 -34.33 -1.21
C GLU B 251 2.92 -34.32 -0.72
N LYS B 252 3.82 -35.02 -1.41
CA LYS B 252 5.22 -35.02 -1.02
C LYS B 252 5.82 -33.64 -1.21
N ALA B 253 5.40 -32.94 -2.26
CA ALA B 253 5.87 -31.59 -2.54
C ALA B 253 5.48 -30.64 -1.40
N ARG B 254 4.23 -30.73 -0.96
CA ARG B 254 3.75 -29.90 0.13
C ARG B 254 4.55 -30.17 1.40
N ALA B 255 4.78 -31.45 1.68
CA ALA B 255 5.53 -31.85 2.88
C ALA B 255 6.97 -31.32 2.85
N LEU B 256 7.62 -31.47 1.70
CA LEU B 256 9.00 -31.02 1.56
C LEU B 256 9.11 -29.51 1.69
N PHE B 257 8.14 -28.79 1.14
CA PHE B 257 8.14 -27.33 1.18
C PHE B 257 8.03 -26.81 2.61
N TYR B 258 7.04 -27.32 3.34
CA TYR B 258 6.82 -26.88 4.71
C TYR B 258 8.01 -27.21 5.61
N ARG B 259 8.72 -28.28 5.28
CA ARG B 259 9.87 -28.68 6.06
CA ARG B 259 9.88 -28.70 6.04
C ARG B 259 11.00 -27.66 5.95
N GLN B 260 11.14 -27.06 4.76
CA GLN B 260 12.18 -26.07 4.52
C GLN B 260 11.70 -24.62 4.64
N LEU B 261 10.39 -24.44 4.78
CA LEU B 261 9.82 -23.09 4.81
C LEU B 261 10.42 -22.19 5.89
N PRO B 262 10.47 -22.68 7.13
CA PRO B 262 11.02 -21.87 8.22
C PRO B 262 12.37 -21.27 7.85
N LEU B 263 13.23 -22.05 7.21
CA LEU B 263 14.54 -21.55 6.80
C LEU B 263 14.40 -20.47 5.72
N LEU B 264 13.53 -20.72 4.75
CA LEU B 264 13.30 -19.77 3.67
C LEU B 264 12.77 -18.45 4.21
N ASP B 265 11.87 -18.53 5.18
CA ASP B 265 11.33 -17.34 5.84
C ASP B 265 12.42 -16.56 6.55
N PHE B 266 13.30 -17.27 7.24
CA PHE B 266 14.39 -16.64 7.98
C PHE B 266 15.34 -15.92 7.04
N ILE B 267 15.72 -16.57 5.94
CA ILE B 267 16.58 -15.95 4.96
C ILE B 267 16.00 -14.61 4.52
N LEU B 268 14.69 -14.60 4.28
CA LEU B 268 14.00 -13.39 3.82
C LEU B 268 14.03 -12.27 4.86
N ARG B 269 13.70 -12.60 6.09
CA ARG B 269 13.62 -11.60 7.15
C ARG B 269 14.97 -11.02 7.53
N ARG B 270 16.01 -11.84 7.49
CA ARG B 270 17.32 -11.43 7.98
C ARG B 270 18.32 -11.07 6.86
N GLY B 271 17.91 -11.26 5.62
CA GLY B 271 18.75 -10.88 4.48
C GLY B 271 19.50 -12.03 3.83
N LEU B 272 19.58 -12.01 2.51
CA LEU B 272 20.23 -13.07 1.76
C LEU B 272 21.72 -13.22 2.10
N PRO B 273 22.52 -12.22 1.73
CA PRO B 273 23.96 -12.27 1.97
C PRO B 273 24.28 -12.51 3.44
N THR B 274 23.54 -11.85 4.33
CA THR B 274 23.75 -11.99 5.76
C THR B 274 23.56 -13.42 6.24
N THR B 275 22.42 -14.01 5.89
CA THR B 275 22.09 -15.35 6.36
C THR B 275 22.86 -16.44 5.63
N ILE B 276 23.06 -16.26 4.33
CA ILE B 276 23.77 -17.27 3.55
C ILE B 276 25.23 -17.36 3.95
N LYS B 277 25.87 -16.21 4.13
CA LYS B 277 27.27 -16.19 4.53
C LYS B 277 27.44 -16.76 5.94
N ALA B 278 26.50 -16.46 6.82
CA ALA B 278 26.52 -17.00 8.17
C ALA B 278 26.33 -18.52 8.14
N GLY B 279 25.36 -18.97 7.35
CA GLY B 279 25.05 -20.39 7.24
C GLY B 279 26.20 -21.22 6.68
N LEU B 280 26.91 -20.66 5.70
CA LEU B 280 28.06 -21.34 5.11
C LEU B 280 29.16 -21.52 6.15
N GLY B 281 29.31 -20.54 7.03
CA GLY B 281 30.27 -20.63 8.13
C GLY B 281 29.97 -21.81 9.02
N LEU B 282 28.69 -22.12 9.16
CA LEU B 282 28.26 -23.26 9.97
C LEU B 282 28.46 -24.57 9.22
N SER B 283 28.65 -24.47 7.91
CA SER B 283 28.71 -25.65 7.06
C SER B 283 30.13 -25.93 6.56
N GLY B 284 31.12 -25.40 7.26
CA GLY B 284 32.52 -25.69 6.94
C GLY B 284 33.12 -24.85 5.83
N LEU B 285 32.50 -23.69 5.55
CA LEU B 285 32.98 -22.82 4.48
C LEU B 285 32.96 -21.36 4.91
N GLU B 286 34.12 -20.86 5.31
CA GLU B 286 34.26 -19.47 5.70
C GLU B 286 34.21 -18.56 4.48
N VAL B 287 33.28 -17.61 4.49
CA VAL B 287 33.12 -16.70 3.36
C VAL B 287 33.01 -15.25 3.81
N GLY B 288 33.39 -14.99 5.05
CA GLY B 288 33.43 -13.63 5.58
C GLY B 288 32.06 -13.03 5.83
N ALA B 289 32.00 -11.70 5.89
CA ALA B 289 30.75 -11.00 6.17
C ALA B 289 30.29 -10.16 4.97
N PRO B 290 29.04 -9.70 5.01
CA PRO B 290 28.53 -8.81 3.97
C PRO B 290 29.32 -7.51 3.95
N ARG B 291 29.14 -6.73 2.89
CA ARG B 291 29.80 -5.44 2.77
C ARG B 291 28.92 -4.34 3.36
N LEU B 292 29.48 -3.51 4.25
CA LEU B 292 28.75 -2.43 4.87
C LEU B 292 28.02 -1.60 3.81
N PRO B 293 26.85 -1.03 4.16
CA PRO B 293 26.27 -0.98 5.51
C PRO B 293 25.62 -2.28 5.99
N VAL B 294 25.57 -3.31 5.14
CA VAL B 294 25.00 -4.58 5.56
C VAL B 294 25.91 -5.24 6.59
N GLN B 295 25.32 -5.69 7.70
CA GLN B 295 26.09 -6.24 8.81
C GLN B 295 25.98 -7.76 8.88
N ALA B 296 27.01 -8.40 9.41
CA ALA B 296 27.00 -9.85 9.61
C ALA B 296 25.89 -10.24 10.58
N LEU B 297 25.40 -11.47 10.42
CA LEU B 297 24.34 -11.97 11.29
C LEU B 297 24.79 -11.92 12.75
N ASP B 298 23.96 -11.32 13.61
CA ASP B 298 24.30 -11.21 15.03
C ASP B 298 24.28 -12.56 15.72
N THR B 299 24.88 -12.62 16.91
CA THR B 299 25.00 -13.87 17.64
C THR B 299 23.65 -14.55 17.86
N GLU B 300 22.65 -13.77 18.24
CA GLU B 300 21.31 -14.31 18.46
C GLU B 300 20.72 -14.90 17.18
N GLY B 301 20.87 -14.17 16.07
CA GLY B 301 20.40 -14.65 14.78
C GLY B 301 21.13 -15.91 14.34
N CYS B 302 22.44 -15.93 14.59
CA CYS B 302 23.26 -17.09 14.23
C CYS B 302 22.83 -18.33 14.99
N ARG B 303 22.54 -18.17 16.28
CA ARG B 303 22.06 -19.28 17.10
C ARG B 303 20.73 -19.81 16.59
N TYR B 304 19.85 -18.91 16.21
CA TYR B 304 18.54 -19.28 15.69
C TYR B 304 18.69 -20.05 14.38
N LEU B 305 19.60 -19.57 13.53
CA LEU B 305 19.89 -20.23 12.26
C LEU B 305 20.38 -21.65 12.47
N GLN B 306 21.29 -21.82 13.44
CA GLN B 306 21.79 -23.14 13.78
C GLN B 306 20.63 -24.08 14.14
N GLY B 307 19.68 -23.54 14.89
CA GLY B 307 18.51 -24.32 15.30
C GLY B 307 17.64 -24.72 14.12
N LEU B 308 17.44 -23.78 13.19
CA LEU B 308 16.64 -24.05 12.01
C LEU B 308 17.26 -25.19 11.19
N LEU B 309 18.57 -25.08 10.94
CA LEU B 309 19.27 -26.07 10.13
C LEU B 309 19.30 -27.44 10.79
N GLU B 310 19.49 -27.46 12.11
CA GLU B 310 19.46 -28.68 12.88
C GLU B 310 18.11 -29.36 12.73
N GLU B 311 17.05 -28.59 12.87
CA GLU B 311 15.74 -29.12 12.81
C GLU B 311 15.46 -29.73 11.44
N LEU B 312 16.01 -29.12 10.41
CA LEU B 312 15.86 -29.61 9.04
C LEU B 312 16.45 -30.96 8.84
N ARG B 313 17.41 -31.27 9.64
CA ARG B 313 18.28 -32.36 9.42
C ARG B 313 17.65 -33.75 9.40
N ALA C 23 27.20 30.21 7.67
CA ALA C 23 26.55 30.01 6.34
C ALA C 23 25.27 29.20 6.47
N SER C 24 24.20 29.87 6.90
CA SER C 24 22.91 29.21 7.10
C SER C 24 22.39 28.59 5.81
N ILE C 25 21.88 27.37 5.90
CA ILE C 25 21.27 26.70 4.77
C ILE C 25 19.75 26.80 4.89
N HIS C 26 19.15 27.59 4.01
CA HIS C 26 17.72 27.88 4.12
C HIS C 26 17.12 28.27 2.77
N GLY C 27 15.85 28.65 2.81
CA GLY C 27 15.18 29.20 1.63
C GLY C 27 15.12 28.28 0.44
N ILE C 28 15.39 28.83 -0.74
CA ILE C 28 15.31 28.09 -1.99
C ILE C 28 16.66 27.45 -2.34
N ILE C 29 16.72 26.13 -2.25
CA ILE C 29 17.93 25.38 -2.57
C ILE C 29 17.77 24.72 -3.92
N GLY C 30 18.58 25.15 -4.89
CA GLY C 30 18.42 24.69 -6.27
C GLY C 30 19.21 23.44 -6.62
N TYR C 31 18.50 22.40 -7.02
CA TYR C 31 19.12 21.20 -7.57
C TYR C 31 19.67 21.52 -8.96
N THR C 32 20.92 21.14 -9.20
CA THR C 32 21.52 21.35 -10.51
C THR C 32 21.42 20.10 -11.37
N ILE C 33 21.27 20.30 -12.68
CA ILE C 33 21.26 19.20 -13.63
CA ILE C 33 21.26 19.20 -13.63
C ILE C 33 22.67 18.94 -14.13
N THR C 34 22.84 17.84 -14.86
CA THR C 34 24.15 17.51 -15.41
C THR C 34 24.07 17.43 -16.93
N PRO C 35 24.43 18.53 -17.60
CA PRO C 35 24.39 18.61 -19.06
C PRO C 35 25.40 17.67 -19.70
N PHE C 36 24.97 16.97 -20.75
CA PHE C 36 25.86 16.07 -21.48
C PHE C 36 26.12 16.60 -22.88
N ALA C 37 27.37 16.52 -23.33
CA ALA C 37 27.74 16.98 -24.66
C ALA C 37 27.31 15.96 -25.72
N ALA C 38 27.35 16.36 -26.98
CA ALA C 38 26.96 15.48 -28.08
C ALA C 38 27.68 14.14 -27.97
N ASP C 39 28.98 14.18 -27.67
CA ASP C 39 29.78 12.97 -27.50
C ASP C 39 29.29 12.15 -26.31
N GLY C 40 28.26 12.66 -25.63
CA GLY C 40 27.70 11.98 -24.48
C GLY C 40 28.41 12.35 -23.19
N GLY C 41 29.60 12.92 -23.32
CA GLY C 41 30.39 13.34 -22.17
C GLY C 41 29.84 14.57 -21.49
N LEU C 42 30.57 15.05 -20.48
CA LEU C 42 30.12 16.20 -19.70
C LEU C 42 30.24 17.50 -20.48
N ASP C 43 29.22 18.35 -20.35
CA ASP C 43 29.26 19.69 -20.92
C ASP C 43 29.39 20.71 -19.79
N LEU C 44 30.60 20.88 -19.30
CA LEU C 44 30.86 21.72 -18.13
C LEU C 44 30.46 23.18 -18.35
N PRO C 45 30.84 23.75 -19.50
CA PRO C 45 30.47 25.12 -19.79
C PRO C 45 28.98 25.37 -19.60
N ALA C 46 28.16 24.44 -20.08
CA ALA C 46 26.71 24.56 -19.93
C ALA C 46 26.30 24.47 -18.46
N LEU C 47 27.00 23.62 -17.72
CA LEU C 47 26.75 23.47 -16.29
C LEU C 47 27.05 24.77 -15.55
N GLY C 48 28.11 25.45 -15.97
CA GLY C 48 28.49 26.72 -15.37
C GLY C 48 27.44 27.79 -15.60
N ARG C 49 26.89 27.80 -16.81
CA ARG C 49 25.84 28.76 -17.15
C ARG C 49 24.57 28.51 -16.34
N SER C 50 24.19 27.24 -16.20
CA SER C 50 23.02 26.89 -15.41
C SER C 50 23.22 27.32 -13.95
N ILE C 51 24.44 27.14 -13.46
CA ILE C 51 24.78 27.54 -12.11
C ILE C 51 24.65 29.06 -11.92
N GLU C 52 25.13 29.81 -12.91
CA GLU C 52 25.02 31.26 -12.88
C GLU C 52 23.56 31.69 -12.96
N ARG C 53 22.78 30.96 -13.76
CA ARG C 53 21.36 31.24 -13.90
C ARG C 53 20.63 31.07 -12.57
N LEU C 54 21.05 30.08 -11.80
CA LEU C 54 20.44 29.80 -10.49
C LEU C 54 20.80 30.87 -9.46
N ILE C 55 22.09 31.17 -9.36
CA ILE C 55 22.55 32.17 -8.39
C ILE C 55 21.94 33.55 -8.66
N ASP C 56 21.84 33.91 -9.93
CA ASP C 56 21.24 35.18 -10.33
C ASP C 56 19.73 35.14 -10.10
N GLY C 57 19.16 33.95 -10.21
CA GLY C 57 17.74 33.75 -9.95
C GLY C 57 17.44 33.94 -8.47
N GLY C 58 18.50 33.97 -7.67
CA GLY C 58 18.36 34.27 -6.25
C GLY C 58 18.20 33.08 -5.32
N VAL C 59 18.72 31.92 -5.73
CA VAL C 59 18.68 30.75 -4.86
C VAL C 59 19.60 30.97 -3.67
N HIS C 60 19.27 30.34 -2.54
CA HIS C 60 20.03 30.54 -1.31
C HIS C 60 21.13 29.51 -1.13
N ALA C 61 21.13 28.50 -1.99
CA ALA C 61 22.15 27.45 -1.94
C ALA C 61 22.10 26.59 -3.20
N ILE C 62 23.16 25.81 -3.41
CA ILE C 62 23.23 24.90 -4.54
C ILE C 62 23.39 23.46 -4.06
N ALA C 63 22.61 22.55 -4.65
CA ALA C 63 22.67 21.14 -4.29
C ALA C 63 22.88 20.29 -5.53
N PRO C 64 24.15 19.92 -5.79
CA PRO C 64 24.50 19.18 -7.00
C PRO C 64 24.49 17.67 -6.82
N LEU C 65 24.30 16.96 -7.93
CA LEU C 65 24.46 15.50 -7.97
C LEU C 65 23.33 14.72 -7.30
N GLY C 66 22.15 15.32 -7.25
CA GLY C 66 20.95 14.60 -6.82
C GLY C 66 20.32 13.93 -8.01
N SER C 67 19.09 13.44 -7.85
CA SER C 67 18.38 12.81 -8.96
C SER C 67 18.26 13.78 -10.14
N THR C 68 18.07 15.06 -9.83
CA THR C 68 17.97 16.09 -10.85
C THR C 68 19.21 16.09 -11.75
N GLY C 69 20.36 15.85 -11.14
CA GLY C 69 21.63 15.86 -11.87
C GLY C 69 22.06 14.48 -12.35
N GLU C 70 21.16 13.52 -12.23
CA GLU C 70 21.45 12.15 -12.67
C GLU C 70 22.78 11.69 -12.10
N GLY C 71 23.04 12.04 -10.84
CA GLY C 71 24.28 11.68 -10.18
C GLY C 71 24.62 10.21 -10.28
N ALA C 72 23.60 9.36 -10.14
CA ALA C 72 23.79 7.91 -10.14
C ALA C 72 24.18 7.38 -11.53
N TYR C 73 23.97 8.18 -12.56
CA TYR C 73 24.31 7.79 -13.92
C TYR C 73 25.77 8.08 -14.26
N LEU C 74 26.44 8.83 -13.38
CA LEU C 74 27.80 9.28 -13.65
C LEU C 74 28.86 8.26 -13.23
N SER C 75 29.88 8.12 -14.06
CA SER C 75 31.04 7.33 -13.68
C SER C 75 31.75 8.06 -12.56
N ASP C 76 32.70 7.40 -11.90
CA ASP C 76 33.41 8.01 -10.78
C ASP C 76 34.19 9.23 -11.20
N PRO C 77 34.91 9.14 -12.33
CA PRO C 77 35.65 10.30 -12.84
C PRO C 77 34.71 11.47 -13.09
N GLU C 78 33.58 11.20 -13.73
CA GLU C 78 32.58 12.23 -14.02
C GLU C 78 32.04 12.85 -12.73
N TRP C 79 31.70 12.01 -11.77
CA TRP C 79 31.19 12.48 -10.49
C TRP C 79 32.18 13.44 -9.84
N ASP C 80 33.44 13.00 -9.72
CA ASP C 80 34.48 13.85 -9.14
C ASP C 80 34.61 15.17 -9.87
N GLU C 81 34.59 15.10 -11.20
CA GLU C 81 34.73 16.31 -12.03
C GLU C 81 33.58 17.28 -11.81
N VAL C 82 32.37 16.75 -11.72
CA VAL C 82 31.18 17.58 -11.50
C VAL C 82 31.25 18.29 -10.16
N VAL C 83 31.64 17.56 -9.11
CA VAL C 83 31.79 18.14 -7.79
C VAL C 83 32.81 19.27 -7.83
N ASP C 84 33.97 18.98 -8.40
CA ASP C 84 35.05 19.95 -8.49
C ASP C 84 34.61 21.22 -9.22
N PHE C 85 34.07 21.05 -10.42
CA PHE C 85 33.65 22.18 -11.23
C PHE C 85 32.55 23.01 -10.56
N THR C 86 31.59 22.32 -9.96
CA THR C 86 30.47 23.00 -9.30
C THR C 86 30.95 23.88 -8.15
N LEU C 87 31.79 23.31 -7.28
CA LEU C 87 32.30 24.05 -6.13
C LEU C 87 33.19 25.21 -6.55
N LYS C 88 34.03 24.99 -7.56
CA LYS C 88 34.87 26.06 -8.09
C LYS C 88 34.02 27.19 -8.67
N THR C 89 32.98 26.81 -9.41
CA THR C 89 32.10 27.77 -10.05
C THR C 89 31.32 28.61 -9.03
N VAL C 90 30.67 27.93 -8.10
CA VAL C 90 29.90 28.62 -7.07
C VAL C 90 30.75 29.65 -6.35
N ALA C 91 32.01 29.28 -6.07
CA ALA C 91 32.95 30.19 -5.44
C ALA C 91 32.46 30.66 -4.07
N HIS C 92 31.79 29.76 -3.35
CA HIS C 92 31.31 30.03 -2.00
C HIS C 92 30.34 31.22 -1.94
N ARG C 93 29.84 31.65 -3.09
CA ARG C 93 28.85 32.72 -3.12
C ARG C 93 27.61 32.32 -2.32
N VAL C 94 27.24 31.04 -2.43
CA VAL C 94 26.19 30.47 -1.62
C VAL C 94 26.63 29.08 -1.16
N PRO C 95 26.07 28.60 -0.05
CA PRO C 95 26.40 27.27 0.45
C PRO C 95 26.17 26.20 -0.62
N THR C 96 27.00 25.17 -0.60
CA THR C 96 26.82 24.04 -1.52
C THR C 96 26.65 22.75 -0.72
N ILE C 97 25.53 22.07 -0.92
CA ILE C 97 25.28 20.79 -0.26
C ILE C 97 25.31 19.67 -1.29
N VAL C 98 26.38 18.88 -1.26
CA VAL C 98 26.61 17.84 -2.26
C VAL C 98 26.02 16.50 -1.83
N SER C 99 25.27 15.88 -2.74
CA SER C 99 24.73 14.55 -2.51
C SER C 99 25.84 13.51 -2.69
N VAL C 100 26.20 12.84 -1.61
CA VAL C 100 27.29 11.87 -1.64
C VAL C 100 26.80 10.44 -1.41
N SER C 101 25.48 10.26 -1.45
CA SER C 101 24.87 8.95 -1.22
C SER C 101 25.36 7.90 -2.21
N ASP C 102 25.75 6.74 -1.68
CA ASP C 102 26.09 5.60 -2.53
C ASP C 102 25.70 4.30 -1.83
N LEU C 103 25.77 3.19 -2.55
CA LEU C 103 25.34 1.90 -2.00
C LEU C 103 26.17 1.47 -0.80
N THR C 104 27.49 1.51 -0.94
CA THR C 104 28.37 1.08 0.15
C THR C 104 28.71 2.22 1.09
N THR C 105 28.99 1.88 2.33
CA THR C 105 29.40 2.86 3.33
C THR C 105 30.75 3.44 2.97
N ALA C 106 31.67 2.58 2.53
CA ALA C 106 33.02 2.99 2.19
C ALA C 106 33.04 4.07 1.11
N LYS C 107 32.24 3.87 0.06
CA LYS C 107 32.20 4.81 -1.05
C LYS C 107 31.45 6.09 -0.69
N THR C 108 30.43 5.96 0.15
CA THR C 108 29.71 7.13 0.63
C THR C 108 30.66 8.00 1.46
N VAL C 109 31.40 7.36 2.36
CA VAL C 109 32.39 8.06 3.16
C VAL C 109 33.42 8.74 2.27
N ARG C 110 33.94 7.99 1.30
CA ARG C 110 34.97 8.50 0.41
C ARG C 110 34.48 9.72 -0.37
N ARG C 111 33.24 9.67 -0.83
CA ARG C 111 32.66 10.78 -1.59
C ARG C 111 32.37 11.98 -0.69
N ALA C 112 32.00 11.70 0.55
CA ALA C 112 31.77 12.77 1.53
C ALA C 112 33.07 13.50 1.83
N GLN C 113 34.14 12.73 2.03
CA GLN C 113 35.46 13.30 2.30
C GLN C 113 35.96 14.09 1.10
N PHE C 114 35.72 13.57 -0.10
CA PHE C 114 36.14 14.24 -1.33
C PHE C 114 35.43 15.59 -1.47
N ALA C 115 34.12 15.59 -1.23
CA ALA C 115 33.32 16.81 -1.32
C ALA C 115 33.79 17.87 -0.32
N GLU C 116 34.11 17.43 0.90
CA GLU C 116 34.58 18.35 1.93
C GLU C 116 35.93 18.95 1.53
N SER C 117 36.82 18.12 1.01
CA SER C 117 38.17 18.56 0.67
C SER C 117 38.17 19.67 -0.38
N LEU C 118 37.08 19.80 -1.11
CA LEU C 118 36.98 20.78 -2.18
C LEU C 118 36.14 22.00 -1.78
N GLY C 119 35.68 22.04 -0.53
CA GLY C 119 35.03 23.22 0.01
C GLY C 119 33.54 23.13 0.23
N ALA C 120 32.97 21.94 0.09
CA ALA C 120 31.54 21.76 0.32
C ALA C 120 31.16 22.15 1.75
N GLU C 121 30.15 23.01 1.88
CA GLU C 121 29.68 23.42 3.19
C GLU C 121 28.95 22.29 3.90
N ALA C 122 28.42 21.35 3.13
CA ALA C 122 27.66 20.24 3.69
C ALA C 122 27.45 19.14 2.66
N VAL C 123 27.12 17.94 3.13
CA VAL C 123 26.81 16.83 2.24
C VAL C 123 25.45 16.24 2.62
N VAL C 125 23.03 12.75 2.65
CA VAL C 125 23.10 11.30 2.62
C VAL C 125 21.72 10.64 2.65
N LEU C 126 21.40 9.92 1.59
CA LEU C 126 20.21 9.09 1.51
C LEU C 126 20.66 7.64 1.57
N PRO C 127 19.98 6.82 2.39
CA PRO C 127 20.38 5.42 2.52
C PRO C 127 19.83 4.57 1.38
N ILE C 128 20.43 4.69 0.21
CA ILE C 128 20.02 3.92 -0.96
C ILE C 128 20.46 2.46 -0.82
N SER C 129 19.58 1.54 -1.23
CA SER C 129 19.86 0.12 -1.13
C SER C 129 18.86 -0.69 -1.96
N TYR C 130 19.28 -1.84 -2.45
CA TYR C 130 18.39 -2.71 -3.22
C TYR C 130 17.69 -3.70 -2.30
N TRP C 131 18.38 -4.10 -1.23
CA TRP C 131 17.78 -4.91 -0.18
C TRP C 131 17.49 -4.02 1.02
N LYS C 132 16.54 -4.44 1.85
CA LYS C 132 16.17 -3.66 3.03
C LYS C 132 17.30 -3.62 4.04
N LEU C 133 17.50 -2.44 4.63
CA LEU C 133 18.47 -2.29 5.71
C LEU C 133 17.73 -2.12 7.01
N ASN C 134 18.20 -2.78 8.06
CA ASN C 134 17.59 -2.64 9.37
C ASN C 134 18.06 -1.36 10.06
N GLU C 135 17.38 -0.97 11.13
CA GLU C 135 17.64 0.30 11.79
C GLU C 135 19.09 0.41 12.31
N ALA C 136 19.63 -0.70 12.78
CA ALA C 136 21.02 -0.72 13.26
C ALA C 136 21.98 -0.45 12.12
N GLU C 137 21.70 -1.06 10.97
CA GLU C 137 22.54 -0.89 9.78
C GLU C 137 22.46 0.54 9.25
N VAL C 138 21.26 1.11 9.25
CA VAL C 138 21.07 2.49 8.82
C VAL C 138 21.79 3.46 9.75
N PHE C 139 21.65 3.24 11.06
CA PHE C 139 22.29 4.10 12.05
C PHE C 139 23.80 4.13 11.87
N GLN C 140 24.41 2.94 11.80
CA GLN C 140 25.85 2.83 11.67
C GLN C 140 26.35 3.48 10.38
N HIS C 141 25.54 3.41 9.33
CA HIS C 141 25.89 4.03 8.05
C HIS C 141 26.07 5.53 8.21
N TYR C 142 25.15 6.17 8.92
CA TYR C 142 25.23 7.61 9.18
C TYR C 142 26.34 7.96 10.16
N ARG C 143 26.57 7.08 11.14
CA ARG C 143 27.64 7.29 12.10
C ARG C 143 29.00 7.27 11.42
N ALA C 144 29.19 6.30 10.52
CA ALA C 144 30.44 6.17 9.79
C ALA C 144 30.73 7.40 8.93
N VAL C 145 29.70 7.93 8.28
CA VAL C 145 29.86 9.08 7.41
C VAL C 145 30.14 10.36 8.21
N GLY C 146 29.41 10.54 9.30
CA GLY C 146 29.57 11.73 10.14
C GLY C 146 30.91 11.77 10.84
N GLU C 147 31.38 10.62 11.29
CA GLU C 147 32.64 10.54 12.04
C GLU C 147 33.86 10.68 11.13
N ALA C 148 33.64 10.58 9.83
CA ALA C 148 34.74 10.61 8.87
C ALA C 148 34.96 11.99 8.26
N ILE C 149 34.06 12.92 8.56
CA ILE C 149 34.15 14.26 7.97
C ILE C 149 34.01 15.37 9.02
N GLY C 150 34.28 16.60 8.61
CA GLY C 150 34.24 17.75 9.52
C GLY C 150 33.16 18.76 9.18
N VAL C 151 32.27 18.39 8.26
CA VAL C 151 31.16 19.27 7.88
C VAL C 151 29.82 18.61 8.18
N PRO C 152 28.74 19.42 8.23
CA PRO C 152 27.42 18.93 8.57
C PRO C 152 26.87 17.96 7.53
N VAL C 153 26.09 16.99 7.99
CA VAL C 153 25.44 16.04 7.09
C VAL C 153 23.93 16.23 7.15
N LEU C 155 20.54 14.57 6.63
CA LEU C 155 19.91 13.27 6.50
C LEU C 155 18.71 13.38 5.57
N TYR C 156 18.66 12.51 4.55
CA TYR C 156 17.65 12.58 3.53
C TYR C 156 16.77 11.34 3.54
N ASN C 157 15.49 11.50 3.85
CA ASN C 157 14.55 10.40 3.83
C ASN C 157 13.66 10.44 2.60
N ASN C 158 13.89 9.51 1.69
CA ASN C 158 13.08 9.40 0.49
C ASN C 158 12.88 7.94 0.09
N PRO C 159 11.86 7.30 0.66
CA PRO C 159 11.54 5.90 0.41
C PRO C 159 11.29 5.61 -1.07
N GLY C 160 10.60 6.53 -1.74
CA GLY C 160 10.26 6.35 -3.14
C GLY C 160 11.45 6.09 -4.04
N THR C 161 12.59 6.71 -3.70
CA THR C 161 13.77 6.60 -4.54
C THR C 161 14.85 5.70 -3.94
N SER C 162 14.97 5.72 -2.62
CA SER C 162 16.02 4.97 -1.93
C SER C 162 15.60 3.52 -1.63
N GLY C 163 14.32 3.32 -1.37
CA GLY C 163 13.81 2.00 -1.01
C GLY C 163 13.76 1.80 0.49
N ILE C 164 14.21 2.79 1.23
CA ILE C 164 14.22 2.75 2.69
C ILE C 164 13.36 3.87 3.26
N ASP C 165 12.62 3.56 4.32
CA ASP C 165 11.78 4.56 4.97
C ASP C 165 12.13 4.67 6.46
N SER C 167 11.92 6.02 10.14
CA SER C 167 10.94 6.62 11.03
C SER C 167 11.51 7.89 11.65
N VAL C 168 10.63 8.79 12.08
CA VAL C 168 11.05 10.02 12.73
C VAL C 168 11.86 9.70 13.99
N GLU C 169 11.48 8.61 14.66
CA GLU C 169 12.19 8.20 15.87
C GLU C 169 13.64 7.85 15.58
N LEU C 170 13.86 7.08 14.51
CA LEU C 170 15.21 6.70 14.10
C LEU C 170 15.99 7.93 13.67
N ILE C 171 15.36 8.78 12.86
CA ILE C 171 15.99 9.99 12.36
C ILE C 171 16.46 10.89 13.50
N LEU C 172 15.63 11.01 14.54
CA LEU C 172 15.96 11.84 15.68
C LEU C 172 17.11 11.26 16.50
N ARG C 173 17.19 9.93 16.58
CA ARG C 173 18.28 9.26 17.28
C ARG C 173 19.61 9.49 16.57
N ILE C 174 19.57 9.45 15.23
CA ILE C 174 20.76 9.70 14.43
C ILE C 174 21.22 11.15 14.56
N VAL C 175 20.28 12.08 14.57
CA VAL C 175 20.60 13.49 14.73
C VAL C 175 21.23 13.75 16.09
N ARG C 176 20.62 13.21 17.14
CA ARG C 176 21.11 13.43 18.49
C ARG C 176 22.45 12.76 18.75
N GLU C 177 22.59 11.52 18.28
CA GLU C 177 23.77 10.72 18.60
C GLU C 177 24.94 10.94 17.65
N VAL C 178 24.65 11.33 16.42
CA VAL C 178 25.69 11.58 15.43
C VAL C 178 25.96 13.08 15.28
N ASP C 179 27.06 13.54 15.86
CA ASP C 179 27.38 14.97 15.88
C ASP C 179 27.11 15.68 14.56
N ASN C 180 27.75 15.21 13.49
CA ASN C 180 27.70 15.91 12.21
C ASN C 180 26.35 15.85 11.49
N VAL C 181 25.47 14.96 11.91
CA VAL C 181 24.12 14.91 11.35
C VAL C 181 23.26 15.96 12.03
N THR C 182 22.96 17.04 11.31
CA THR C 182 22.34 18.22 11.93
C THR C 182 21.02 18.61 11.27
N VAL C 184 17.59 17.54 8.46
CA VAL C 184 16.76 16.48 7.92
C VAL C 184 15.91 16.94 6.74
N LYS C 185 16.04 16.24 5.61
CA LYS C 185 15.19 16.50 4.45
C LYS C 185 14.14 15.42 4.33
N GLU C 186 12.88 15.83 4.15
CA GLU C 186 11.77 14.89 4.01
C GLU C 186 11.13 15.00 2.63
N SER C 187 11.02 13.88 1.95
CA SER C 187 10.37 13.82 0.64
C SER C 187 9.35 12.69 0.55
N THR C 188 8.85 12.25 1.70
CA THR C 188 7.86 11.18 1.72
C THR C 188 6.52 11.66 1.15
N GLY C 189 6.30 12.97 1.21
CA GLY C 189 5.02 13.53 0.79
C GLY C 189 4.02 13.49 1.93
N ASP C 190 4.43 12.89 3.05
CA ASP C 190 3.58 12.80 4.23
C ASP C 190 3.91 13.91 5.22
N ILE C 191 3.04 14.91 5.27
CA ILE C 191 3.25 16.09 6.11
C ILE C 191 3.40 15.71 7.59
N GLN C 192 2.76 14.62 8.00
CA GLN C 192 2.82 14.19 9.39
C GLN C 192 4.25 13.94 9.86
N ARG C 193 5.12 13.54 8.93
CA ARG C 193 6.52 13.33 9.25
C ARG C 193 7.14 14.62 9.80
N HIS C 195 5.42 17.16 11.07
CA HIS C 195 4.74 17.46 12.33
C HIS C 195 5.43 16.74 13.48
N LYS C 196 5.76 15.47 13.27
CA LYS C 196 6.44 14.68 14.29
C LYS C 196 7.85 15.19 14.56
N LEU C 197 8.54 15.59 13.50
CA LEU C 197 9.88 16.15 13.65
C LEU C 197 9.82 17.42 14.48
N ARG C 198 8.83 18.26 14.20
CA ARG C 198 8.64 19.50 14.96
C ARG C 198 8.36 19.22 16.43
N LEU C 199 7.40 18.34 16.69
CA LEU C 199 7.02 18.01 18.06
C LEU C 199 8.13 17.27 18.80
N LEU C 200 8.48 16.08 18.32
CA LEU C 200 9.48 15.25 18.98
C LEU C 200 10.85 15.92 19.02
N GLY C 201 11.11 16.79 18.05
CA GLY C 201 12.37 17.53 18.01
C GLY C 201 12.29 18.80 18.84
N GLU C 202 11.09 19.13 19.27
CA GLU C 202 10.85 20.31 20.10
C GLU C 202 11.30 21.58 19.39
N GLY C 203 11.22 21.57 18.07
CA GLY C 203 11.55 22.75 17.26
C GLY C 203 13.03 23.05 17.20
N ARG C 204 13.85 22.10 17.59
CA ARG C 204 15.30 22.31 17.60
C ARG C 204 16.00 21.51 16.52
N VAL C 205 15.23 20.73 15.76
CA VAL C 205 15.77 20.00 14.63
C VAL C 205 15.26 20.59 13.32
N PRO C 206 16.13 21.33 12.62
CA PRO C 206 15.74 21.96 11.36
C PRO C 206 15.47 20.92 10.29
N PHE C 207 14.31 21.03 9.62
CA PHE C 207 13.97 20.11 8.55
C PHE C 207 13.68 20.84 7.25
N TYR C 208 13.82 20.13 6.13
CA TYR C 208 13.69 20.74 4.81
C TYR C 208 12.73 19.94 3.94
N ASN C 209 12.14 20.62 2.96
CA ASN C 209 11.19 19.98 2.05
C ASN C 209 11.88 19.50 0.77
N GLY C 210 11.57 18.28 0.37
CA GLY C 210 12.14 17.72 -0.85
C GLY C 210 11.09 17.36 -1.88
N ASN C 212 8.10 18.71 -4.18
CA ASN C 212 7.60 19.95 -4.77
C ASN C 212 6.14 20.28 -4.48
N PRO C 213 5.23 19.33 -4.76
CA PRO C 213 3.79 19.54 -4.61
C PRO C 213 3.38 19.83 -3.17
N LEU C 214 4.34 19.80 -2.24
CA LEU C 214 4.05 20.03 -0.83
C LEU C 214 4.77 21.27 -0.32
N ALA C 215 5.34 22.06 -1.24
CA ALA C 215 6.13 23.22 -0.88
C ALA C 215 5.39 24.13 0.11
N LEU C 216 4.16 24.48 -0.22
CA LEU C 216 3.36 25.36 0.62
C LEU C 216 3.19 24.78 2.03
N GLU C 217 2.64 23.58 2.10
CA GLU C 217 2.41 22.92 3.39
C GLU C 217 3.71 22.78 4.17
N ALA C 218 4.79 22.41 3.49
CA ALA C 218 6.08 22.22 4.14
C ALA C 218 6.51 23.48 4.88
N PHE C 219 6.45 24.63 4.21
CA PHE C 219 6.82 25.91 4.82
C PHE C 219 5.91 26.24 6.00
N VAL C 220 4.61 26.09 5.81
CA VAL C 220 3.64 26.35 6.86
C VAL C 220 3.93 25.50 8.09
N ALA C 221 4.29 24.24 7.86
CA ALA C 221 4.58 23.31 8.94
C ALA C 221 5.87 23.70 9.68
N GLY C 222 6.69 24.52 9.04
CA GLY C 222 7.90 25.03 9.68
C GLY C 222 9.20 24.69 8.98
N ALA C 223 9.10 24.20 7.75
CA ALA C 223 10.29 23.83 6.99
C ALA C 223 11.23 25.02 6.84
N LYS C 224 12.52 24.79 7.09
CA LYS C 224 13.51 25.85 7.02
C LYS C 224 13.92 26.16 5.59
N GLY C 225 13.73 25.18 4.69
CA GLY C 225 14.13 25.34 3.30
C GLY C 225 13.44 24.38 2.36
N TRP C 226 13.63 24.59 1.06
CA TRP C 226 12.98 23.80 0.04
C TRP C 226 13.95 23.47 -1.09
N CYS C 227 14.41 22.23 -1.14
CA CYS C 227 15.29 21.77 -2.20
C CYS C 227 14.47 21.39 -3.42
N SER C 228 14.77 22.02 -4.55
CA SER C 228 13.97 21.83 -5.75
C SER C 228 14.77 22.11 -7.03
N ALA C 229 14.33 21.49 -8.12
CA ALA C 229 14.94 21.74 -9.42
C ALA C 229 14.15 22.83 -10.15
N ALA C 230 13.04 23.23 -9.57
CA ALA C 230 12.15 24.21 -10.19
C ALA C 230 12.85 25.56 -10.43
N PRO C 231 13.72 25.97 -9.49
CA PRO C 231 14.46 27.23 -9.63
C PRO C 231 15.19 27.31 -10.97
N ASN C 232 15.42 26.17 -11.61
CA ASN C 232 16.03 26.13 -12.93
C ASN C 232 15.14 26.78 -13.98
N LEU C 233 13.84 26.80 -13.72
CA LEU C 233 12.89 27.32 -14.69
C LEU C 233 12.13 28.54 -14.18
N ILE C 234 11.80 28.55 -12.89
CA ILE C 234 11.01 29.63 -12.30
C ILE C 234 11.55 30.07 -10.95
N PRO C 235 12.81 30.53 -10.90
CA PRO C 235 13.44 30.94 -9.65
C PRO C 235 12.65 32.05 -8.95
N THR C 236 12.06 32.94 -9.72
CA THR C 236 11.34 34.08 -9.17
C THR C 236 10.13 33.65 -8.35
N LEU C 237 9.25 32.85 -8.95
CA LEU C 237 8.05 32.38 -8.27
C LEU C 237 8.41 31.55 -7.04
N ASN C 238 9.43 30.71 -7.16
CA ASN C 238 9.90 29.91 -6.04
C ASN C 238 10.33 30.80 -4.88
N GLY C 239 11.14 31.80 -5.19
CA GLY C 239 11.65 32.72 -4.18
C GLY C 239 10.57 33.57 -3.53
N GLN C 240 9.55 33.92 -4.32
CA GLN C 240 8.43 34.70 -3.80
C GLN C 240 7.60 33.90 -2.81
N LEU C 241 7.44 32.61 -3.08
CA LEU C 241 6.73 31.72 -2.17
C LEU C 241 7.41 31.73 -0.81
N TYR C 242 8.73 31.55 -0.81
CA TYR C 242 9.49 31.55 0.43
C TYR C 242 9.40 32.90 1.14
N GLN C 243 9.47 33.98 0.37
CA GLN C 243 9.39 35.32 0.94
C GLN C 243 8.04 35.53 1.61
N ALA C 244 6.97 35.14 0.93
CA ALA C 244 5.62 35.28 1.47
C ALA C 244 5.46 34.56 2.80
N VAL C 245 6.08 33.40 2.93
CA VAL C 245 6.03 32.64 4.17
C VAL C 245 6.79 33.36 5.28
N LEU C 246 8.00 33.83 4.95
CA LEU C 246 8.78 34.62 5.90
C LEU C 246 7.98 35.82 6.38
N ASP C 247 7.25 36.44 5.46
CA ASP C 247 6.42 37.59 5.77
C ASP C 247 5.16 37.19 6.51
N GLY C 248 4.93 35.88 6.63
CA GLY C 248 3.75 35.36 7.30
C GLY C 248 2.47 35.63 6.55
N ASP C 249 2.60 36.00 5.28
CA ASP C 249 1.43 36.31 4.45
C ASP C 249 0.80 35.04 3.90
N LEU C 250 -0.10 34.44 4.69
CA LEU C 250 -0.72 33.17 4.35
C LEU C 250 -1.48 33.21 3.03
N GLU C 251 -2.23 34.28 2.80
CA GLU C 251 -3.06 34.39 1.60
C GLU C 251 -2.23 34.50 0.31
N LYS C 252 -1.18 35.32 0.35
CA LYS C 252 -0.32 35.49 -0.82
C LYS C 252 0.45 34.22 -1.13
N ALA C 253 0.96 33.57 -0.09
CA ALA C 253 1.72 32.33 -0.25
C ALA C 253 0.87 31.28 -0.97
N ARG C 254 -0.40 31.19 -0.58
CA ARG C 254 -1.33 30.25 -1.20
C ARG C 254 -1.47 30.55 -2.69
N ALA C 255 -1.66 31.83 -3.02
CA ALA C 255 -1.83 32.25 -4.41
C ALA C 255 -0.60 31.92 -5.24
N LEU C 256 0.57 32.22 -4.70
CA LEU C 256 1.82 31.96 -5.40
C LEU C 256 2.02 30.46 -5.62
N PHE C 257 1.67 29.67 -4.63
CA PHE C 257 1.82 28.22 -4.70
C PHE C 257 0.95 27.62 -5.81
N TYR C 258 -0.34 27.94 -5.80
CA TYR C 258 -1.27 27.39 -6.78
C TYR C 258 -0.94 27.82 -8.21
N ARG C 259 -0.26 28.95 -8.34
CA ARG C 259 0.11 29.45 -9.66
C ARG C 259 1.22 28.59 -10.27
N GLN C 260 2.16 28.17 -9.43
CA GLN C 260 3.31 27.39 -9.91
C GLN C 260 3.11 25.89 -9.74
N LEU C 261 2.03 25.50 -9.06
CA LEU C 261 1.77 24.10 -8.77
C LEU C 261 1.71 23.24 -10.03
N PRO C 262 0.93 23.68 -11.04
CA PRO C 262 0.81 22.94 -12.28
C PRO C 262 2.18 22.54 -12.84
N LEU C 263 3.11 23.48 -12.90
CA LEU C 263 4.47 23.19 -13.37
C LEU C 263 5.14 22.18 -12.47
N LEU C 264 4.97 22.35 -11.16
CA LEU C 264 5.52 21.41 -10.18
C LEU C 264 4.97 20.01 -10.39
N ASP C 265 3.66 19.91 -10.61
CA ASP C 265 3.03 18.62 -10.88
C ASP C 265 3.57 18.00 -12.17
N PHE C 266 3.79 18.84 -13.18
CA PHE C 266 4.29 18.37 -14.47
C PHE C 266 5.70 17.79 -14.34
N ILE C 267 6.55 18.45 -13.57
CA ILE C 267 7.92 17.99 -13.36
C ILE C 267 7.93 16.59 -12.75
N LEU C 268 7.16 16.40 -11.69
CA LEU C 268 7.03 15.10 -11.06
C LEU C 268 6.45 14.09 -12.04
N ARG C 269 5.49 14.57 -12.83
CA ARG C 269 4.77 13.74 -13.78
C ARG C 269 5.67 13.20 -14.90
N ARG C 270 6.50 14.05 -15.47
CA ARG C 270 7.27 13.69 -16.66
C ARG C 270 8.76 13.45 -16.39
N GLY C 271 9.19 13.62 -15.15
CA GLY C 271 10.58 13.37 -14.79
C GLY C 271 11.37 14.64 -14.53
N LEU C 272 12.27 14.58 -13.56
CA LEU C 272 13.09 15.74 -13.18
C LEU C 272 14.04 16.17 -14.29
N PRO C 273 15.08 15.35 -14.54
CA PRO C 273 16.06 15.68 -15.58
C PRO C 273 15.40 15.86 -16.94
N THR C 274 14.40 15.04 -17.22
CA THR C 274 13.68 15.12 -18.48
C THR C 274 13.05 16.50 -18.69
N THR C 275 12.27 16.94 -17.70
CA THR C 275 11.54 18.20 -17.80
C THR C 275 12.45 19.41 -17.65
N ILE C 276 13.39 19.33 -16.71
CA ILE C 276 14.30 20.44 -16.45
C ILE C 276 15.19 20.73 -17.66
N LYS C 277 15.81 19.69 -18.20
CA LYS C 277 16.68 19.84 -19.37
C LYS C 277 15.89 20.38 -20.57
N ALA C 278 14.68 19.88 -20.74
CA ALA C 278 13.81 20.36 -21.81
C ALA C 278 13.42 21.83 -21.56
N GLY C 279 13.12 22.14 -20.30
CA GLY C 279 12.75 23.50 -19.92
C GLY C 279 13.87 24.48 -20.16
N LEU C 280 15.09 24.09 -19.79
CA LEU C 280 16.26 24.94 -20.02
C LEU C 280 16.52 25.12 -21.50
N GLY C 281 16.27 24.06 -22.28
CA GLY C 281 16.39 24.13 -23.73
C GLY C 281 15.43 25.15 -24.31
N LEU C 282 14.21 25.17 -23.80
CA LEU C 282 13.20 26.12 -24.25
C LEU C 282 13.54 27.53 -23.79
N SER C 283 14.43 27.62 -22.81
CA SER C 283 14.85 28.91 -22.26
C SER C 283 16.14 29.40 -22.90
N GLY C 284 16.52 28.78 -24.01
CA GLY C 284 17.72 29.18 -24.74
C GLY C 284 19.01 28.70 -24.11
N LEU C 285 18.92 27.66 -23.27
CA LEU C 285 20.10 27.11 -22.63
C LEU C 285 20.24 25.64 -22.99
N GLU C 286 21.11 25.35 -23.97
CA GLU C 286 21.33 24.00 -24.44
C GLU C 286 22.01 23.14 -23.38
N VAL C 287 21.29 22.12 -22.91
CA VAL C 287 21.84 21.22 -21.89
C VAL C 287 21.67 19.76 -22.26
N GLY C 288 21.31 19.51 -23.53
CA GLY C 288 21.18 18.15 -24.03
C GLY C 288 20.04 17.38 -23.41
N ALA C 289 20.08 16.06 -23.55
CA ALA C 289 19.03 15.20 -23.00
C ALA C 289 19.59 14.30 -21.91
N PRO C 290 18.69 13.63 -21.16
CA PRO C 290 19.10 12.71 -20.11
C PRO C 290 19.82 11.49 -20.69
N ARG C 291 20.52 10.75 -19.85
CA ARG C 291 21.17 9.53 -20.28
C ARG C 291 20.19 8.35 -20.25
N LEU C 292 20.21 7.53 -21.29
CA LEU C 292 19.36 6.35 -21.34
C LEU C 292 19.56 5.51 -20.09
N PRO C 293 18.52 4.79 -19.65
CA PRO C 293 17.25 4.59 -20.35
C PRO C 293 16.30 5.79 -20.33
N VAL C 294 16.64 6.82 -19.56
CA VAL C 294 15.80 8.02 -19.51
C VAL C 294 15.78 8.71 -20.87
N GLN C 295 14.59 9.01 -21.37
CA GLN C 295 14.43 9.63 -22.69
C GLN C 295 14.11 11.11 -22.58
N ALA C 296 14.47 11.87 -23.62
CA ALA C 296 14.18 13.29 -23.67
C ALA C 296 12.67 13.51 -23.78
N LEU C 297 12.21 14.66 -23.28
CA LEU C 297 10.79 15.00 -23.35
C LEU C 297 10.30 14.94 -24.80
N ASP C 298 9.18 14.26 -25.02
CA ASP C 298 8.64 14.12 -26.36
C ASP C 298 8.03 15.43 -26.85
N THR C 299 7.66 15.48 -28.12
CA THR C 299 7.13 16.68 -28.74
C THR C 299 5.90 17.22 -28.01
N GLU C 300 4.94 16.33 -27.74
CA GLU C 300 3.71 16.72 -27.08
C GLU C 300 3.97 17.35 -25.71
N GLY C 301 4.81 16.69 -24.91
CA GLY C 301 5.16 17.20 -23.59
C GLY C 301 5.90 18.52 -23.65
N CYS C 302 6.71 18.67 -24.70
CA CYS C 302 7.51 19.88 -24.88
C CYS C 302 6.61 21.09 -25.13
N ARG C 303 5.61 20.93 -25.97
CA ARG C 303 4.67 22.00 -26.25
C ARG C 303 3.91 22.40 -24.99
N TYR C 304 3.45 21.41 -24.23
CA TYR C 304 2.72 21.68 -23.00
C TYR C 304 3.56 22.45 -22.00
N LEU C 305 4.81 22.02 -21.81
CA LEU C 305 5.73 22.71 -20.93
C LEU C 305 5.93 24.15 -21.42
N GLN C 306 6.07 24.31 -22.73
CA GLN C 306 6.23 25.61 -23.34
C GLN C 306 5.11 26.55 -22.89
N GLY C 307 3.88 26.05 -22.96
CA GLY C 307 2.71 26.82 -22.54
C GLY C 307 2.76 27.17 -21.07
N LEU C 308 3.05 26.17 -20.24
CA LEU C 308 3.13 26.36 -18.80
C LEU C 308 4.12 27.47 -18.45
N LEU C 309 5.25 27.50 -19.14
CA LEU C 309 6.30 28.48 -18.87
C LEU C 309 5.90 29.88 -19.34
N GLU C 310 5.18 29.93 -20.46
CA GLU C 310 4.76 31.21 -21.01
C GLU C 310 3.71 31.91 -20.15
N GLU C 311 2.81 31.13 -19.57
CA GLU C 311 1.77 31.68 -18.70
C GLU C 311 2.32 32.08 -17.35
N LEU C 312 3.40 31.42 -16.91
CA LEU C 312 4.03 31.74 -15.65
C LEU C 312 4.93 32.96 -15.79
N ARG C 313 5.28 33.30 -17.02
CA ARG C 313 6.14 34.44 -17.29
C ARG C 313 5.37 35.56 -17.97
N SER D 24 -25.11 28.63 6.12
CA SER D 24 -23.72 28.50 5.60
C SER D 24 -22.85 27.64 6.53
N ILE D 25 -22.19 26.64 5.96
CA ILE D 25 -21.33 25.76 6.72
C ILE D 25 -19.88 26.16 6.59
N HIS D 26 -19.25 26.47 7.72
CA HIS D 26 -17.87 26.95 7.72
C HIS D 26 -17.25 26.83 9.11
N GLY D 27 -15.99 27.23 9.23
CA GLY D 27 -15.31 27.26 10.51
C GLY D 27 -15.18 25.90 11.17
N ILE D 28 -15.57 25.83 12.44
CA ILE D 28 -15.46 24.60 13.21
C ILE D 28 -16.79 23.86 13.30
N ILE D 29 -16.92 22.77 12.56
CA ILE D 29 -18.10 21.92 12.63
C ILE D 29 -17.85 20.80 13.62
N GLY D 30 -18.64 20.77 14.69
CA GLY D 30 -18.41 19.83 15.78
C GLY D 30 -19.18 18.52 15.64
N TYR D 31 -18.44 17.42 15.55
CA TYR D 31 -19.03 16.08 15.57
C TYR D 31 -19.52 15.77 16.98
N THR D 32 -20.78 15.35 17.09
CA THR D 32 -21.32 14.95 18.38
C THR D 32 -21.11 13.45 18.61
N ILE D 33 -20.96 13.07 19.87
CA ILE D 33 -20.93 11.66 20.22
C ILE D 33 -22.34 11.21 20.59
N THR D 34 -22.52 9.91 20.81
CA THR D 34 -23.80 9.39 21.23
C THR D 34 -23.68 8.72 22.60
N PRO D 35 -24.03 9.47 23.66
CA PRO D 35 -23.91 8.97 25.03
C PRO D 35 -24.82 7.77 25.28
N PHE D 36 -24.31 6.79 25.99
CA PHE D 36 -25.11 5.63 26.37
C PHE D 36 -25.18 5.52 27.90
N ALA D 37 -26.32 5.06 28.41
CA ALA D 37 -26.47 4.84 29.83
C ALA D 37 -25.65 3.63 30.25
N ALA D 38 -25.62 3.34 31.55
CA ALA D 38 -24.90 2.18 32.05
C ALA D 38 -25.40 0.92 31.36
N ASP D 39 -26.72 0.86 31.14
CA ASP D 39 -27.34 -0.26 30.47
CA ASP D 39 -27.33 -0.27 30.46
C ASP D 39 -26.81 -0.43 29.04
N GLY D 40 -26.60 0.70 28.37
CA GLY D 40 -26.10 0.68 26.99
C GLY D 40 -27.04 1.41 26.06
N GLY D 41 -28.19 1.83 26.58
CA GLY D 41 -29.18 2.56 25.80
C GLY D 41 -28.88 4.04 25.73
N LEU D 42 -29.60 4.74 24.86
CA LEU D 42 -29.38 6.18 24.66
C LEU D 42 -29.46 6.96 25.98
N ASP D 43 -28.70 8.04 26.05
CA ASP D 43 -28.79 8.99 27.16
C ASP D 43 -28.94 10.39 26.59
N LEU D 44 -30.18 10.75 26.28
CA LEU D 44 -30.47 12.00 25.57
C LEU D 44 -30.12 13.25 26.39
N PRO D 45 -30.42 13.23 27.69
CA PRO D 45 -30.06 14.36 28.54
C PRO D 45 -28.58 14.69 28.40
N ALA D 46 -27.72 13.69 28.53
CA ALA D 46 -26.28 13.88 28.39
C ALA D 46 -25.94 14.42 27.02
N LEU D 47 -26.58 13.89 25.99
CA LEU D 47 -26.39 14.37 24.63
C LEU D 47 -26.73 15.86 24.57
N GLY D 48 -27.83 16.24 25.21
CA GLY D 48 -28.22 17.63 25.28
C GLY D 48 -27.13 18.48 25.89
N ARG D 49 -26.58 18.02 27.01
CA ARG D 49 -25.52 18.75 27.69
CA ARG D 49 -25.51 18.75 27.69
C ARG D 49 -24.29 18.90 26.80
N SER D 50 -23.96 17.84 26.06
CA SER D 50 -22.79 17.87 25.19
C SER D 50 -23.01 18.85 24.03
N ILE D 51 -24.24 18.92 23.55
CA ILE D 51 -24.58 19.85 22.47
C ILE D 51 -24.49 21.29 22.94
N GLU D 52 -24.91 21.53 24.19
CA GLU D 52 -24.82 22.86 24.77
C GLU D 52 -23.36 23.24 24.97
N ARG D 53 -22.53 22.27 25.36
CA ARG D 53 -21.10 22.53 25.54
C ARG D 53 -20.44 22.92 24.22
N LEU D 54 -20.87 22.29 23.14
CA LEU D 54 -20.32 22.58 21.81
C LEU D 54 -20.67 23.98 21.34
N ILE D 55 -21.95 24.34 21.47
CA ILE D 55 -22.41 25.65 21.02
C ILE D 55 -21.85 26.78 21.89
N ASP D 56 -21.79 26.53 23.20
CA ASP D 56 -21.15 27.47 24.10
C ASP D 56 -19.66 27.55 23.79
N GLY D 57 -19.12 26.45 23.29
CA GLY D 57 -17.71 26.37 22.92
C GLY D 57 -17.36 27.23 21.72
N GLY D 58 -18.36 27.50 20.88
CA GLY D 58 -18.17 28.39 19.74
C GLY D 58 -18.20 27.73 18.38
N VAL D 59 -18.65 26.49 18.32
CA VAL D 59 -18.76 25.79 17.04
C VAL D 59 -19.70 26.55 16.10
N HIS D 60 -19.47 26.41 14.80
CA HIS D 60 -20.27 27.12 13.81
C HIS D 60 -21.33 26.20 13.20
N ALA D 61 -21.22 24.91 13.49
CA ALA D 61 -22.17 23.93 13.00
C ALA D 61 -22.11 22.64 13.82
N ILE D 62 -23.15 21.82 13.69
CA ILE D 62 -23.19 20.54 14.38
C ILE D 62 -23.36 19.40 13.38
N ALA D 63 -22.53 18.37 13.53
CA ALA D 63 -22.55 17.23 12.63
C ALA D 63 -22.82 15.93 13.39
N PRO D 64 -24.09 15.53 13.47
CA PRO D 64 -24.50 14.37 14.25
C PRO D 64 -24.45 13.05 13.49
N LEU D 65 -24.25 11.96 14.23
CA LEU D 65 -24.38 10.60 13.69
C LEU D 65 -23.29 10.19 12.71
N GLY D 66 -22.12 10.80 12.84
CA GLY D 66 -20.95 10.38 12.09
C GLY D 66 -20.23 9.26 12.82
N SER D 67 -18.99 8.98 12.43
CA SER D 67 -18.20 7.95 13.10
C SER D 67 -18.07 8.27 14.59
N THR D 68 -17.88 9.54 14.90
CA THR D 68 -17.74 9.98 16.28
C THR D 68 -18.97 9.59 17.11
N GLY D 69 -20.14 9.69 16.50
CA GLY D 69 -21.39 9.39 17.19
C GLY D 69 -21.79 7.94 17.14
N GLU D 70 -20.91 7.10 16.60
CA GLU D 70 -21.18 5.67 16.48
C GLU D 70 -22.52 5.44 15.78
N GLY D 71 -22.79 6.25 14.75
CA GLY D 71 -24.06 6.18 14.04
C GLY D 71 -24.38 4.79 13.50
N ALA D 72 -23.39 4.13 12.93
CA ALA D 72 -23.59 2.81 12.34
C ALA D 72 -23.94 1.75 13.38
N TYR D 73 -23.65 2.05 14.64
CA TYR D 73 -23.89 1.12 15.73
C TYR D 73 -25.32 1.19 16.27
N LEU D 74 -26.07 2.18 15.81
CA LEU D 74 -27.42 2.42 16.33
C LEU D 74 -28.50 1.69 15.54
N SER D 75 -29.54 1.24 16.25
CA SER D 75 -30.71 0.68 15.59
C SER D 75 -31.46 1.79 14.88
N ASP D 76 -32.34 1.42 13.96
CA ASP D 76 -33.11 2.40 13.21
C ASP D 76 -33.89 3.34 14.13
N PRO D 77 -34.55 2.78 15.16
CA PRO D 77 -35.27 3.57 16.15
C PRO D 77 -34.34 4.51 16.91
N GLU D 78 -33.20 3.98 17.36
CA GLU D 78 -32.22 4.79 18.07
C GLU D 78 -31.70 5.92 17.19
N TRP D 79 -31.39 5.60 15.95
CA TRP D 79 -30.90 6.58 14.99
C TRP D 79 -31.91 7.70 14.79
N ASP D 80 -33.16 7.32 14.50
CA ASP D 80 -34.22 8.29 14.28
C ASP D 80 -34.40 9.24 15.47
N GLU D 81 -34.30 8.69 16.69
CA GLU D 81 -34.48 9.48 17.89
C GLU D 81 -33.34 10.46 18.11
N VAL D 82 -32.11 9.99 17.89
CA VAL D 82 -30.93 10.84 18.05
C VAL D 82 -31.02 12.05 17.12
N VAL D 83 -31.45 11.81 15.88
CA VAL D 83 -31.61 12.88 14.90
C VAL D 83 -32.64 13.90 15.37
N ASP D 84 -33.80 13.41 15.81
CA ASP D 84 -34.88 14.27 16.27
C ASP D 84 -34.42 15.12 17.45
N PHE D 85 -33.92 14.45 18.48
CA PHE D 85 -33.47 15.12 19.70
C PHE D 85 -32.37 16.14 19.41
N THR D 86 -31.48 15.81 18.49
CA THR D 86 -30.38 16.70 18.14
C THR D 86 -30.88 17.98 17.48
N LEU D 87 -31.73 17.82 16.47
CA LEU D 87 -32.25 18.97 15.73
C LEU D 87 -33.10 19.87 16.61
N LYS D 88 -33.84 19.27 17.54
CA LYS D 88 -34.67 20.03 18.47
C LYS D 88 -33.81 20.79 19.48
N THR D 89 -32.81 20.10 20.02
CA THR D 89 -31.91 20.70 20.99
C THR D 89 -31.17 21.90 20.39
N VAL D 90 -30.67 21.72 19.17
CA VAL D 90 -29.94 22.77 18.48
C VAL D 90 -30.84 23.98 18.21
N ALA D 91 -32.10 23.71 17.87
CA ALA D 91 -33.08 24.77 17.61
C ALA D 91 -32.57 25.77 16.58
N HIS D 92 -31.78 25.29 15.63
CA HIS D 92 -31.31 26.10 14.52
C HIS D 92 -30.39 27.25 14.95
N ARG D 93 -29.84 27.17 16.14
CA ARG D 93 -28.85 28.15 16.59
C ARG D 93 -27.65 28.13 15.63
N VAL D 94 -27.29 26.93 15.20
CA VAL D 94 -26.28 26.74 14.17
C VAL D 94 -26.76 25.67 13.20
N PRO D 95 -26.25 25.69 11.96
CA PRO D 95 -26.66 24.71 10.97
C PRO D 95 -26.35 23.29 11.45
N THR D 96 -27.19 22.34 11.08
CA THR D 96 -26.97 20.94 11.41
C THR D 96 -26.83 20.12 10.14
N ILE D 97 -25.72 19.39 10.03
CA ILE D 97 -25.48 18.54 8.88
C ILE D 97 -25.46 17.08 9.31
N VAL D 98 -26.54 16.37 9.01
CA VAL D 98 -26.71 14.99 9.48
C VAL D 98 -26.07 13.97 8.55
N SER D 99 -25.32 13.03 9.12
CA SER D 99 -24.77 11.92 8.35
C SER D 99 -25.85 10.87 8.14
N VAL D 100 -26.28 10.71 6.89
CA VAL D 100 -27.34 9.76 6.56
C VAL D 100 -26.80 8.56 5.79
N SER D 101 -25.48 8.50 5.62
CA SER D 101 -24.85 7.42 4.88
C SER D 101 -25.36 6.06 5.35
N ASP D 102 -25.72 5.21 4.38
CA ASP D 102 -26.09 3.83 4.69
C ASP D 102 -25.74 2.92 3.51
N LEU D 103 -25.83 1.61 3.75
CA LEU D 103 -25.41 0.63 2.74
C LEU D 103 -26.23 0.72 1.45
N THR D 104 -27.55 0.61 1.57
CA THR D 104 -28.42 0.65 0.41
C THR D 104 -28.78 2.07 0.03
N THR D 105 -29.03 2.29 -1.26
CA THR D 105 -29.46 3.59 -1.75
C THR D 105 -30.84 3.94 -1.21
N ALA D 106 -31.72 2.94 -1.14
CA ALA D 106 -33.08 3.15 -0.67
C ALA D 106 -33.10 3.67 0.77
N LYS D 107 -32.29 3.07 1.63
CA LYS D 107 -32.26 3.45 3.04
C LYS D 107 -31.50 4.75 3.26
N THR D 108 -30.52 5.01 2.41
CA THR D 108 -29.79 6.28 2.46
C THR D 108 -30.73 7.42 2.09
N VAL D 109 -31.52 7.22 1.04
CA VAL D 109 -32.50 8.20 0.62
C VAL D 109 -33.51 8.47 1.74
N ARG D 110 -34.04 7.39 2.31
CA ARG D 110 -35.02 7.49 3.38
C ARG D 110 -34.49 8.31 4.55
N ARG D 111 -33.25 8.03 4.95
CA ARG D 111 -32.62 8.73 6.07
CA ARG D 111 -32.63 8.74 6.07
C ARG D 111 -32.40 10.21 5.73
N ALA D 112 -32.04 10.49 4.48
CA ALA D 112 -31.82 11.86 4.05
C ALA D 112 -33.12 12.66 4.11
N GLN D 113 -34.23 12.02 3.71
CA GLN D 113 -35.54 12.66 3.76
C GLN D 113 -36.02 12.86 5.19
N PHE D 114 -35.79 11.86 6.03
CA PHE D 114 -36.16 11.96 7.44
C PHE D 114 -35.46 13.14 8.10
N ALA D 115 -34.17 13.30 7.80
CA ALA D 115 -33.39 14.40 8.35
C ALA D 115 -33.92 15.75 7.86
N GLU D 116 -34.20 15.85 6.57
CA GLU D 116 -34.73 17.08 6.00
C GLU D 116 -36.07 17.44 6.63
N SER D 117 -36.96 16.46 6.73
CA SER D 117 -38.30 16.70 7.26
C SER D 117 -38.26 17.25 8.68
N LEU D 118 -37.18 16.99 9.40
CA LEU D 118 -37.06 17.45 10.78
C LEU D 118 -36.29 18.76 10.90
N GLY D 119 -35.91 19.34 9.77
CA GLY D 119 -35.29 20.67 9.75
C GLY D 119 -33.82 20.72 9.39
N ALA D 120 -33.18 19.56 9.29
CA ALA D 120 -31.76 19.51 8.96
C ALA D 120 -31.44 20.49 7.82
N GLU D 121 -30.41 21.31 8.02
CA GLU D 121 -29.98 22.26 7.00
C GLU D 121 -29.29 21.55 5.84
N ALA D 122 -28.69 20.40 6.13
CA ALA D 122 -28.01 19.63 5.10
C ALA D 122 -27.71 18.22 5.58
N VAL D 123 -27.26 17.36 4.67
CA VAL D 123 -26.89 16.00 5.00
C VAL D 123 -25.52 15.66 4.43
N VAL D 125 -23.10 12.46 2.92
CA VAL D 125 -23.17 11.11 2.38
C VAL D 125 -21.80 10.52 2.07
N LEU D 126 -21.47 9.43 2.73
CA LEU D 126 -20.26 8.66 2.46
C LEU D 126 -20.68 7.34 1.83
N PRO D 127 -20.02 6.94 0.73
CA PRO D 127 -20.37 5.70 0.05
C PRO D 127 -19.86 4.48 0.80
N ILE D 128 -20.54 4.12 1.89
CA ILE D 128 -20.16 2.95 2.67
C ILE D 128 -20.54 1.67 1.93
N SER D 129 -19.63 0.70 1.93
CA SER D 129 -19.85 -0.56 1.24
C SER D 129 -18.88 -1.63 1.74
N TYR D 130 -19.38 -2.85 1.92
CA TYR D 130 -18.53 -3.96 2.34
C TYR D 130 -17.89 -4.63 1.14
N TRP D 131 -18.16 -4.08 -0.04
CA TRP D 131 -17.54 -4.54 -1.28
C TRP D 131 -17.39 -3.37 -2.25
N LYS D 132 -16.31 -3.37 -3.00
CA LYS D 132 -16.00 -2.26 -3.90
C LYS D 132 -17.18 -1.93 -4.82
N LEU D 133 -17.39 -0.64 -5.04
CA LEU D 133 -18.39 -0.17 -5.99
C LEU D 133 -17.68 0.56 -7.12
N ASN D 134 -18.21 0.43 -8.34
CA ASN D 134 -17.61 1.12 -9.48
C ASN D 134 -18.07 2.57 -9.57
N GLU D 135 -17.34 3.38 -10.33
CA GLU D 135 -17.62 4.81 -10.41
C GLU D 135 -19.05 5.10 -10.84
N ALA D 136 -19.60 4.27 -11.72
CA ALA D 136 -20.96 4.43 -12.19
C ALA D 136 -21.96 4.22 -11.05
N GLU D 137 -21.70 3.20 -10.24
CA GLU D 137 -22.59 2.89 -9.11
C GLU D 137 -22.54 4.00 -8.06
N VAL D 138 -21.34 4.53 -7.81
CA VAL D 138 -21.17 5.61 -6.84
C VAL D 138 -21.91 6.86 -7.29
N PHE D 139 -21.77 7.19 -8.57
CA PHE D 139 -22.39 8.40 -9.11
C PHE D 139 -23.92 8.38 -8.97
N GLN D 140 -24.55 7.27 -9.38
CA GLN D 140 -26.00 7.16 -9.31
CA GLN D 140 -26.00 7.16 -9.31
C GLN D 140 -26.48 7.19 -7.87
N HIS D 141 -25.67 6.65 -6.95
CA HIS D 141 -26.02 6.67 -5.53
C HIS D 141 -26.22 8.10 -5.06
N TYR D 142 -25.27 8.98 -5.40
CA TYR D 142 -25.37 10.38 -5.03
C TYR D 142 -26.50 11.10 -5.76
N ARG D 143 -26.64 10.79 -7.04
CA ARG D 143 -27.73 11.36 -7.84
C ARG D 143 -29.07 11.04 -7.20
N ALA D 144 -29.28 9.76 -6.86
CA ALA D 144 -30.52 9.34 -6.22
C ALA D 144 -30.78 10.12 -4.94
N VAL D 145 -29.76 10.25 -4.09
CA VAL D 145 -29.90 10.97 -2.83
C VAL D 145 -30.21 12.44 -3.07
N GLY D 146 -29.43 13.06 -3.96
CA GLY D 146 -29.60 14.48 -4.26
C GLY D 146 -30.96 14.83 -4.80
N GLU D 147 -31.44 14.04 -5.76
CA GLU D 147 -32.73 14.29 -6.39
C GLU D 147 -33.90 14.00 -5.46
N ALA D 148 -33.62 13.34 -4.34
CA ALA D 148 -34.68 12.93 -3.41
C ALA D 148 -34.96 13.95 -2.32
N ILE D 149 -34.09 14.95 -2.20
CA ILE D 149 -34.23 15.94 -1.12
C ILE D 149 -34.17 17.38 -1.62
N GLY D 150 -34.38 18.32 -0.72
CA GLY D 150 -34.38 19.74 -1.07
C GLY D 150 -33.30 20.55 -0.36
N VAL D 151 -32.41 19.85 0.34
CA VAL D 151 -31.30 20.52 1.02
C VAL D 151 -29.96 20.05 0.47
N PRO D 152 -28.92 20.87 0.62
CA PRO D 152 -27.58 20.58 0.09
C PRO D 152 -27.01 19.27 0.63
N VAL D 153 -26.20 18.61 -0.18
CA VAL D 153 -25.54 17.37 0.23
C VAL D 153 -24.03 17.55 0.24
N LEU D 155 -20.67 15.76 -0.05
CA LEU D 155 -20.02 14.53 -0.46
C LEU D 155 -18.82 14.29 0.45
N TYR D 156 -18.73 13.08 1.00
CA TYR D 156 -17.71 12.75 1.97
C TYR D 156 -16.85 11.59 1.50
N ASN D 157 -15.58 11.87 1.22
CA ASN D 157 -14.63 10.84 0.79
C ASN D 157 -13.72 10.41 1.93
N ASN D 158 -13.92 9.18 2.40
CA ASN D 158 -13.10 8.61 3.46
C ASN D 158 -12.88 7.12 3.24
N PRO D 159 -11.86 6.77 2.45
CA PRO D 159 -11.53 5.37 2.12
C PRO D 159 -11.32 4.51 3.36
N GLY D 160 -10.63 5.07 4.36
CA GLY D 160 -10.32 4.33 5.58
C GLY D 160 -11.54 3.83 6.33
N THR D 161 -12.64 4.55 6.21
CA THR D 161 -13.85 4.21 6.96
C THR D 161 -15.00 3.73 6.06
N SER D 162 -14.81 3.84 4.75
CA SER D 162 -15.86 3.47 3.81
C SER D 162 -15.47 2.28 2.94
N GLY D 163 -14.17 2.14 2.69
CA GLY D 163 -13.68 1.09 1.79
C GLY D 163 -13.72 1.55 0.35
N ILE D 164 -14.16 2.79 0.15
CA ILE D 164 -14.24 3.37 -1.20
C ILE D 164 -13.45 4.66 -1.28
N ASP D 165 -12.63 4.79 -2.33
CA ASP D 165 -11.85 5.99 -2.55
C ASP D 165 -12.25 6.65 -3.86
N SER D 167 -12.08 9.36 -6.79
CA SER D 167 -11.11 10.25 -7.42
C SER D 167 -11.64 11.68 -7.40
N VAL D 168 -10.73 12.64 -7.50
CA VAL D 168 -11.12 14.05 -7.52
C VAL D 168 -12.02 14.34 -8.73
N GLU D 169 -11.63 13.83 -9.89
CA GLU D 169 -12.42 14.01 -11.11
C GLU D 169 -13.84 13.46 -10.94
N LEU D 170 -13.95 12.31 -10.30
CA LEU D 170 -15.26 11.72 -10.03
C LEU D 170 -16.07 12.65 -9.13
N ILE D 171 -15.47 13.07 -8.04
CA ILE D 171 -16.12 13.97 -7.10
C ILE D 171 -16.60 15.24 -7.81
N LEU D 172 -15.74 15.81 -8.65
CA LEU D 172 -16.08 17.02 -9.39
C LEU D 172 -17.21 16.77 -10.38
N ARG D 173 -17.27 15.55 -10.91
CA ARG D 173 -18.30 15.18 -11.86
CA ARG D 173 -18.31 15.19 -11.87
C ARG D 173 -19.65 15.06 -11.16
N ILE D 174 -19.64 14.56 -9.93
CA ILE D 174 -20.85 14.43 -9.14
C ILE D 174 -21.35 15.79 -8.68
N VAL D 175 -20.44 16.64 -8.23
CA VAL D 175 -20.79 17.99 -7.78
C VAL D 175 -21.42 18.80 -8.90
N ARG D 176 -20.85 18.68 -10.10
CA ARG D 176 -21.30 19.48 -11.24
C ARG D 176 -22.58 18.96 -11.90
N GLU D 177 -22.84 17.66 -11.75
CA GLU D 177 -23.99 17.06 -12.40
C GLU D 177 -25.17 16.83 -11.46
N VAL D 178 -24.88 16.74 -10.16
CA VAL D 178 -25.92 16.56 -9.16
C VAL D 178 -26.20 17.86 -8.41
N ASP D 179 -27.32 18.50 -8.75
CA ASP D 179 -27.67 19.81 -8.20
C ASP D 179 -27.38 19.95 -6.70
N ASN D 180 -27.98 19.08 -5.89
CA ASN D 180 -27.89 19.22 -4.44
C ASN D 180 -26.52 18.87 -3.84
N VAL D 181 -25.66 18.23 -4.62
CA VAL D 181 -24.30 17.94 -4.17
C VAL D 181 -23.43 19.18 -4.39
N THR D 182 -23.11 19.86 -3.31
CA THR D 182 -22.47 21.18 -3.40
C THR D 182 -21.12 21.25 -2.66
N VAL D 184 -17.70 19.27 -0.51
CA VAL D 184 -16.83 18.10 -0.49
C VAL D 184 -16.01 18.04 0.78
N LYS D 185 -16.10 16.92 1.48
CA LYS D 185 -15.27 16.69 2.66
C LYS D 185 -14.18 15.66 2.35
N GLU D 186 -12.95 15.98 2.68
CA GLU D 186 -11.83 15.08 2.46
C GLU D 186 -11.24 14.59 3.78
N SER D 187 -11.08 13.27 3.90
CA SER D 187 -10.52 12.67 5.11
C SER D 187 -9.43 11.65 4.77
N THR D 188 -8.87 11.75 3.58
CA THR D 188 -7.84 10.81 3.14
C THR D 188 -6.50 11.12 3.80
N GLY D 189 -6.37 12.34 4.32
CA GLY D 189 -5.10 12.78 4.89
C GLY D 189 -4.11 13.16 3.80
N ASP D 190 -4.57 13.11 2.56
CA ASP D 190 -3.73 13.45 1.41
C ASP D 190 -4.01 14.87 0.92
N ILE D 191 -3.17 15.81 1.32
CA ILE D 191 -3.35 17.21 0.98
C ILE D 191 -3.47 17.43 -0.53
N GLN D 192 -2.86 16.56 -1.31
CA GLN D 192 -2.86 16.70 -2.76
C GLN D 192 -4.28 16.65 -3.34
N ARG D 193 -5.18 15.94 -2.65
CA ARG D 193 -6.57 15.86 -3.07
C ARG D 193 -7.20 17.25 -3.05
N HIS D 195 -5.48 20.15 -3.13
CA HIS D 195 -4.82 20.95 -4.14
C HIS D 195 -5.54 20.76 -5.48
N LYS D 196 -5.86 19.51 -5.78
CA LYS D 196 -6.51 19.17 -7.04
C LYS D 196 -7.95 19.67 -7.07
N LEU D 197 -8.64 19.59 -5.94
CA LEU D 197 -9.98 20.13 -5.83
C LEU D 197 -9.97 21.64 -6.10
N ARG D 198 -8.89 22.28 -5.66
CA ARG D 198 -8.74 23.72 -5.85
C ARG D 198 -8.47 24.08 -7.32
N LEU D 199 -7.50 23.41 -7.92
CA LEU D 199 -7.14 23.69 -9.31
C LEU D 199 -8.23 23.26 -10.28
N LEU D 200 -8.59 21.98 -10.25
CA LEU D 200 -9.59 21.44 -11.16
C LEU D 200 -10.96 22.09 -10.93
N GLY D 201 -11.25 22.44 -9.69
CA GLY D 201 -12.51 23.09 -9.36
C GLY D 201 -12.46 24.59 -9.59
N GLU D 202 -11.26 25.10 -9.83
CA GLU D 202 -11.06 26.53 -10.09
C GLU D 202 -11.55 27.39 -8.93
N GLY D 203 -11.44 26.85 -7.72
CA GLY D 203 -11.81 27.59 -6.51
C GLY D 203 -13.31 27.71 -6.31
N ARG D 204 -14.08 27.06 -7.18
CA ARG D 204 -15.54 27.12 -7.10
C ARG D 204 -16.14 26.08 -6.16
N VAL D 205 -15.44 24.96 -6.00
CA VAL D 205 -15.94 23.88 -5.16
C VAL D 205 -15.38 23.99 -3.74
N PRO D 206 -16.25 24.31 -2.78
CA PRO D 206 -15.84 24.45 -1.39
C PRO D 206 -15.56 23.08 -0.78
N PHE D 207 -14.35 22.88 -0.26
CA PHE D 207 -14.00 21.61 0.38
C PHE D 207 -13.72 21.78 1.86
N TYR D 208 -13.93 20.71 2.62
CA TYR D 208 -13.78 20.74 4.06
C TYR D 208 -12.80 19.67 4.54
N ASN D 209 -12.16 19.94 5.67
CA ASN D 209 -11.20 19.00 6.23
C ASN D 209 -11.84 18.07 7.26
N GLY D 210 -11.63 16.77 7.08
CA GLY D 210 -12.15 15.78 8.00
C GLY D 210 -11.05 15.02 8.72
N ASN D 212 -8.05 15.39 11.40
CA ASN D 212 -7.56 16.27 12.47
C ASN D 212 -6.11 16.75 12.33
N PRO D 213 -5.17 15.80 12.19
CA PRO D 213 -3.75 16.15 12.12
C PRO D 213 -3.38 16.96 10.88
N LEU D 214 -4.38 17.24 10.04
CA LEU D 214 -4.14 18.01 8.82
C LEU D 214 -4.86 19.36 8.87
N ALA D 215 -5.39 19.70 10.05
CA ALA D 215 -6.15 20.93 10.22
C ALA D 215 -5.42 22.15 9.68
N LEU D 216 -4.18 22.34 10.13
CA LEU D 216 -3.38 23.49 9.71
C LEU D 216 -3.20 23.55 8.20
N GLU D 217 -2.73 22.45 7.61
CA GLU D 217 -2.48 22.40 6.18
C GLU D 217 -3.75 22.55 5.36
N ALA D 218 -4.84 21.95 5.85
CA ALA D 218 -6.12 22.00 5.14
C ALA D 218 -6.62 23.44 5.03
N PHE D 219 -6.57 24.18 6.14
CA PHE D 219 -6.98 25.58 6.12
C PHE D 219 -6.13 26.41 5.15
N VAL D 220 -4.82 26.25 5.22
CA VAL D 220 -3.92 26.98 4.34
CA VAL D 220 -3.91 26.97 4.35
C VAL D 220 -4.18 26.63 2.88
N ALA D 221 -4.53 25.38 2.63
CA ALA D 221 -4.80 24.90 1.28
C ALA D 221 -6.08 25.50 0.70
N GLY D 222 -6.97 25.97 1.57
CA GLY D 222 -8.20 26.61 1.12
C GLY D 222 -9.46 26.04 1.74
N ALA D 223 -9.29 25.07 2.65
CA ALA D 223 -10.43 24.46 3.31
C ALA D 223 -11.35 25.52 3.94
N LYS D 224 -12.64 25.39 3.70
CA LYS D 224 -13.62 26.35 4.20
C LYS D 224 -14.01 26.04 5.64
N GLY D 225 -13.93 24.77 6.01
CA GLY D 225 -14.31 24.34 7.35
C GLY D 225 -13.55 23.11 7.81
N TRP D 226 -13.71 22.78 9.09
CA TRP D 226 -13.02 21.64 9.68
C TRP D 226 -13.96 20.86 10.58
N CYS D 227 -14.47 19.74 10.06
CA CYS D 227 -15.35 18.87 10.83
C CYS D 227 -14.51 18.03 11.79
N SER D 228 -14.78 18.18 13.08
CA SER D 228 -13.97 17.51 14.09
C SER D 228 -14.75 17.19 15.36
N ALA D 229 -14.32 16.15 16.06
CA ALA D 229 -14.90 15.80 17.35
C ALA D 229 -14.11 16.49 18.47
N ALA D 230 -13.01 17.13 18.09
CA ALA D 230 -12.11 17.76 19.06
C ALA D 230 -12.79 18.87 19.86
N PRO D 231 -13.74 19.60 19.23
CA PRO D 231 -14.45 20.69 19.87
C PRO D 231 -15.15 20.26 21.16
N ASN D 232 -15.35 18.95 21.32
CA ASN D 232 -15.94 18.41 22.55
C ASN D 232 -14.98 18.56 23.72
N LEU D 233 -13.69 18.70 23.41
CA LEU D 233 -12.66 18.76 24.46
C LEU D 233 -11.94 20.11 24.48
N ILE D 234 -11.63 20.65 23.31
CA ILE D 234 -10.85 21.88 23.22
C ILE D 234 -11.41 22.83 22.17
N PRO D 235 -12.69 23.23 22.32
CA PRO D 235 -13.33 24.10 21.36
C PRO D 235 -12.64 25.45 21.24
N THR D 236 -12.00 25.88 22.32
CA THR D 236 -11.28 27.16 22.33
C THR D 236 -10.10 27.15 21.37
N LEU D 237 -9.17 26.23 21.59
CA LEU D 237 -8.00 26.10 20.72
C LEU D 237 -8.42 25.85 19.28
N ASN D 238 -9.49 25.07 19.09
CA ASN D 238 -10.00 24.79 17.76
C ASN D 238 -10.42 26.06 17.03
N GLY D 239 -11.29 26.84 17.65
CA GLY D 239 -11.76 28.09 17.06
C GLY D 239 -10.64 29.07 16.83
N GLN D 240 -9.72 29.15 17.79
CA GLN D 240 -8.59 30.05 17.71
C GLN D 240 -7.73 29.76 16.48
N LEU D 241 -7.58 28.48 16.14
CA LEU D 241 -6.85 28.09 14.94
C LEU D 241 -7.53 28.62 13.69
N TYR D 242 -8.84 28.45 13.63
CA TYR D 242 -9.63 28.91 12.50
C TYR D 242 -9.56 30.43 12.37
N GLN D 243 -9.72 31.13 13.49
CA GLN D 243 -9.66 32.60 13.49
C GLN D 243 -8.31 33.09 13.00
N ALA D 244 -7.24 32.46 13.46
CA ALA D 244 -5.88 32.84 13.06
C ALA D 244 -5.69 32.71 11.55
N VAL D 245 -6.31 31.68 10.96
CA VAL D 245 -6.25 31.48 9.52
C VAL D 245 -7.07 32.55 8.79
N LEU D 246 -8.19 32.93 9.39
CA LEU D 246 -9.03 33.97 8.82
C LEU D 246 -8.30 35.32 8.81
N ASP D 247 -7.44 35.52 9.81
CA ASP D 247 -6.69 36.75 9.92
C ASP D 247 -5.46 36.75 9.02
N GLY D 248 -5.07 35.57 8.56
CA GLY D 248 -3.90 35.43 7.69
C GLY D 248 -2.62 35.39 8.50
N ASP D 249 -2.75 35.15 9.80
CA ASP D 249 -1.60 35.09 10.70
C ASP D 249 -0.98 33.70 10.66
N LEU D 250 -0.07 33.49 9.70
CA LEU D 250 0.55 32.19 9.49
C LEU D 250 1.29 31.69 10.73
N GLU D 251 2.05 32.53 11.37
CA GLU D 251 2.82 32.14 12.51
C GLU D 251 1.96 31.76 13.72
N LYS D 252 0.97 32.54 14.03
CA LYS D 252 0.09 32.23 15.14
C LYS D 252 -0.67 30.95 14.90
N ALA D 253 -1.12 30.76 13.67
CA ALA D 253 -1.81 29.54 13.30
C ALA D 253 -0.95 28.31 13.57
N ARG D 254 0.30 28.37 13.12
CA ARG D 254 1.23 27.26 13.31
C ARG D 254 1.39 26.92 14.79
N ALA D 255 1.61 27.95 15.60
CA ALA D 255 1.82 27.76 17.03
C ALA D 255 0.59 27.14 17.69
N LEU D 256 -0.59 27.63 17.31
CA LEU D 256 -1.85 27.13 17.85
C LEU D 256 -2.08 25.68 17.45
N PHE D 257 -1.76 25.36 16.20
CA PHE D 257 -1.94 24.00 15.70
C PHE D 257 -1.08 23.00 16.44
N TYR D 258 0.21 23.30 16.56
CA TYR D 258 1.15 22.39 17.22
C TYR D 258 0.82 22.22 18.70
N ARG D 259 0.23 23.25 19.31
CA ARG D 259 -0.13 23.19 20.72
CA ARG D 259 -0.13 23.19 20.72
C ARG D 259 -1.20 22.13 20.97
N GLN D 260 -2.12 21.99 20.02
CA GLN D 260 -3.23 21.05 20.15
C GLN D 260 -3.00 19.72 19.42
N LEU D 261 -1.93 19.66 18.63
CA LEU D 261 -1.67 18.48 17.81
C LEU D 261 -1.56 17.20 18.63
N PRO D 262 -0.77 17.24 19.73
CA PRO D 262 -0.62 16.06 20.58
C PRO D 262 -1.97 15.43 20.92
N LEU D 263 -2.98 16.25 21.17
CA LEU D 263 -4.32 15.75 21.46
C LEU D 263 -4.97 15.18 20.21
N LEU D 264 -4.84 15.89 19.10
CA LEU D 264 -5.40 15.43 17.84
C LEU D 264 -4.81 14.08 17.45
N ASP D 265 -3.50 13.92 17.68
CA ASP D 265 -2.83 12.65 17.41
C ASP D 265 -3.39 11.54 18.31
N PHE D 266 -3.57 11.85 19.59
CA PHE D 266 -4.06 10.88 20.55
C PHE D 266 -5.45 10.37 20.18
N ILE D 267 -6.34 11.29 19.81
CA ILE D 267 -7.68 10.93 19.41
C ILE D 267 -7.66 9.90 18.27
N LEU D 268 -6.93 10.23 17.21
CA LEU D 268 -6.84 9.37 16.04
C LEU D 268 -6.23 8.01 16.39
N ARG D 269 -5.31 8.00 17.34
CA ARG D 269 -4.58 6.79 17.69
C ARG D 269 -5.34 5.87 18.63
N ARG D 270 -6.22 6.44 19.46
CA ARG D 270 -6.96 5.65 20.44
C ARG D 270 -8.44 5.49 20.12
N GLY D 271 -8.88 6.14 19.04
CA GLY D 271 -10.28 6.05 18.62
C GLY D 271 -11.11 7.25 19.02
N LEU D 272 -11.96 7.71 18.10
CA LEU D 272 -12.77 8.90 18.35
C LEU D 272 -13.73 8.74 19.52
N PRO D 273 -14.76 7.89 19.36
CA PRO D 273 -15.73 7.68 20.42
C PRO D 273 -15.07 7.31 21.74
N THR D 274 -14.03 6.48 21.67
CA THR D 274 -13.32 6.04 22.86
C THR D 274 -12.68 7.19 23.61
N THR D 275 -11.90 8.00 22.89
CA THR D 275 -11.16 9.10 23.52
C THR D 275 -12.07 10.29 23.86
N ILE D 276 -13.04 10.55 23.00
CA ILE D 276 -13.94 11.68 23.21
C ILE D 276 -14.88 11.45 24.38
N LYS D 277 -15.33 10.22 24.56
CA LYS D 277 -16.19 9.88 25.68
C LYS D 277 -15.42 9.86 26.99
N ALA D 278 -14.16 9.42 26.93
CA ALA D 278 -13.29 9.43 28.09
C ALA D 278 -12.91 10.87 28.44
N GLY D 279 -12.72 11.69 27.41
CA GLY D 279 -12.37 13.09 27.59
C GLY D 279 -13.48 13.88 28.27
N LEU D 280 -14.71 13.69 27.80
CA LEU D 280 -15.86 14.36 28.39
C LEU D 280 -16.05 13.94 29.84
N GLY D 281 -15.77 12.67 30.13
CA GLY D 281 -15.81 12.19 31.51
C GLY D 281 -14.88 13.00 32.39
N LEU D 282 -13.65 13.18 31.91
CA LEU D 282 -12.65 13.97 32.63
C LEU D 282 -12.99 15.46 32.57
N SER D 283 -14.05 15.80 31.84
CA SER D 283 -14.49 17.19 31.73
C SER D 283 -15.81 17.42 32.45
N GLY D 284 -16.16 16.51 33.36
CA GLY D 284 -17.35 16.64 34.17
C GLY D 284 -18.66 16.36 33.45
N LEU D 285 -18.59 15.65 32.34
CA LEU D 285 -19.79 15.31 31.58
C LEU D 285 -19.86 13.81 31.27
N GLU D 286 -20.42 13.06 32.21
CA GLU D 286 -20.56 11.61 32.06
C GLU D 286 -21.38 11.27 30.82
N VAL D 287 -20.80 10.48 29.92
CA VAL D 287 -21.49 10.11 28.68
C VAL D 287 -21.36 8.61 28.39
N GLY D 288 -20.88 7.86 29.39
CA GLY D 288 -20.78 6.41 29.27
C GLY D 288 -19.61 5.95 28.40
N ALA D 289 -19.71 4.73 27.90
CA ALA D 289 -18.66 4.15 27.08
C ALA D 289 -19.16 3.83 25.67
N PRO D 290 -18.24 3.49 24.76
CA PRO D 290 -18.60 3.09 23.41
C PRO D 290 -19.37 1.77 23.41
N ARG D 291 -20.09 1.51 22.33
CA ARG D 291 -20.85 0.28 22.18
C ARG D 291 -19.95 -0.83 21.65
N LEU D 292 -19.93 -1.98 22.33
CA LEU D 292 -19.11 -3.11 21.92
C LEU D 292 -19.30 -3.39 20.43
N PRO D 293 -18.26 -3.91 19.76
CA PRO D 293 -17.01 -4.40 20.35
C PRO D 293 -16.03 -3.32 20.78
N VAL D 294 -16.34 -2.05 20.52
CA VAL D 294 -15.46 -0.97 20.93
C VAL D 294 -15.42 -0.85 22.46
N GLN D 295 -14.22 -0.79 23.02
CA GLN D 295 -14.06 -0.74 24.47
C GLN D 295 -13.72 0.66 24.96
N ALA D 296 -14.04 0.94 26.23
CA ALA D 296 -13.74 2.23 26.83
C ALA D 296 -12.25 2.42 27.02
N LEU D 297 -11.80 3.67 27.00
CA LEU D 297 -10.39 3.99 27.21
C LEU D 297 -9.89 3.36 28.50
N ASP D 298 -8.74 2.70 28.43
CA ASP D 298 -8.19 2.03 29.61
C ASP D 298 -7.54 3.01 30.58
N THR D 299 -7.13 2.50 31.73
CA THR D 299 -6.55 3.34 32.78
C THR D 299 -5.38 4.18 32.26
N GLU D 300 -4.37 3.51 31.73
CA GLU D 300 -3.18 4.19 31.24
C GLU D 300 -3.53 5.31 30.26
N GLY D 301 -4.31 4.97 29.24
CA GLY D 301 -4.71 5.95 28.24
C GLY D 301 -5.55 7.06 28.85
N CYS D 302 -6.26 6.74 29.92
CA CYS D 302 -7.10 7.72 30.59
C CYS D 302 -6.25 8.75 31.32
N ARG D 303 -5.19 8.29 31.99
CA ARG D 303 -4.29 9.19 32.71
C ARG D 303 -3.53 10.09 31.75
N TYR D 304 -3.13 9.54 30.60
CA TYR D 304 -2.40 10.31 29.59
C TYR D 304 -3.29 11.40 29.02
N LEU D 305 -4.53 11.04 28.69
CA LEU D 305 -5.49 12.02 28.18
C LEU D 305 -5.75 13.09 29.24
N GLN D 306 -5.85 12.68 30.49
CA GLN D 306 -6.06 13.60 31.59
C GLN D 306 -4.92 14.63 31.64
N GLY D 307 -3.70 14.16 31.48
CA GLY D 307 -2.53 15.03 31.46
C GLY D 307 -2.55 15.98 30.28
N LEU D 308 -2.88 15.46 29.11
CA LEU D 308 -2.96 16.27 27.90
C LEU D 308 -3.94 17.43 28.05
N LEU D 309 -5.11 17.13 28.61
CA LEU D 309 -6.16 18.14 28.76
C LEU D 309 -5.77 19.24 29.74
N GLU D 310 -5.29 18.83 30.91
CA GLU D 310 -4.88 19.78 31.94
C GLU D 310 -3.81 20.73 31.42
N GLU D 311 -3.06 20.29 30.42
CA GLU D 311 -1.99 21.09 29.84
C GLU D 311 -2.53 22.11 28.84
N LEU D 312 -3.64 21.75 28.19
CA LEU D 312 -4.26 22.61 27.19
C LEU D 312 -5.23 23.60 27.82
N ARG D 313 -5.53 23.40 29.10
CA ARG D 313 -6.47 24.25 29.82
C ARG D 313 -5.80 25.00 30.96
#